data_1POI
#
_entry.id   1POI
#
_cell.length_a   145.120
_cell.length_b   152.270
_cell.length_c   130.610
_cell.angle_alpha   90.00
_cell.angle_beta   90.00
_cell.angle_gamma   90.00
#
_symmetry.space_group_name_H-M   'C 2 2 21'
#
loop_
_entity.id
_entity.type
_entity.pdbx_description
1 polymer 'GLUTACONATE COENZYME A-TRANSFERASE'
2 polymer 'GLUTACONATE COENZYME A-TRANSFERASE'
3 non-polymer 'COPPER (II) ION'
4 water water
#
loop_
_entity_poly.entity_id
_entity_poly.type
_entity_poly.pdbx_seq_one_letter_code
_entity_poly.pdbx_strand_id
1 'polypeptide(L)'
;SKVMTLKDAIAKYVHSGDHIALGGFTTDRKPYAAVFEILRQGITDLTGLGGAAGGDWDMLIGNGRVKAYINCYTANSGVT
NVSRRFRKWFEAGKLTMEDYSQDVIYMMWHAAALGLPFLPVTLMQGSGLTDEWGISKEVRKTLDKVPDDKFKYIDNPFKP
GEKVVAVPVPQVDVAIIHAQQASPDGTVRIWGGKFQDVDIAEAAKYTIVTCEEIISDEEIRRDPTKNDIPGMCVDAVVLA
PYGAHPSQCYGLYDYDNPFLKVYDKVSKTQEDFDAFCKEWVFDLKDHDEYLNKLGATRLINLKVVPGLGYHIDMTKE
;
A,C
2 'polypeptide(L)'
;DYTNYTNKEMQAVTIAKQIKNGQVVTVGTGLPLIGASVAKRVYAPDCHIIVESGLMDCSPVEVPRSVGDLRFMAHCGCIW
PNVRFVGFEINEYLHKANRLIAFIGGAQIDPYGNVNSTSIGDYHHPKTRFTGSGGANGIATYSNTIIMMQHEKRRFMNKI
DYVTSPGWIDGPGGRERLGLPGDVGPQLVVTDKGILKFDEKTKRMYLAAYYPTSSPEDVLENTGFDLDVSKAVELEAPDP
AVIKLIREEIDPGQAFIQVP
;
B,D
#
# COMPACT_ATOMS: atom_id res chain seq x y z
N SER A 1 -16.31 -13.60 21.11
CA SER A 1 -15.08 -13.34 20.31
C SER A 1 -15.22 -14.06 18.99
N LYS A 2 -14.16 -14.04 18.21
CA LYS A 2 -14.16 -14.70 16.92
C LYS A 2 -13.33 -15.97 16.98
N VAL A 3 -13.10 -16.45 18.21
CA VAL A 3 -12.30 -17.64 18.43
C VAL A 3 -13.12 -18.87 18.20
N MET A 4 -12.71 -19.67 17.22
CA MET A 4 -13.42 -20.89 16.89
C MET A 4 -12.48 -21.94 16.33
N THR A 5 -12.82 -23.21 16.50
CA THR A 5 -11.98 -24.31 16.02
C THR A 5 -11.78 -24.25 14.51
N LEU A 6 -10.69 -24.84 14.03
CA LEU A 6 -10.41 -24.81 12.60
C LEU A 6 -11.44 -25.60 11.80
N LYS A 7 -12.20 -26.48 12.46
CA LYS A 7 -13.22 -27.27 11.73
C LYS A 7 -14.45 -26.41 11.56
N ASP A 8 -14.93 -25.87 12.66
CA ASP A 8 -16.08 -25.01 12.66
C ASP A 8 -15.89 -23.81 11.71
N ALA A 9 -14.80 -23.09 11.88
CA ALA A 9 -14.50 -21.92 11.06
C ALA A 9 -14.51 -22.23 9.57
N ILE A 10 -13.73 -23.21 9.17
CA ILE A 10 -13.67 -23.58 7.76
C ILE A 10 -15.05 -23.94 7.16
N ALA A 11 -15.86 -24.65 7.95
CA ALA A 11 -17.18 -25.09 7.52
C ALA A 11 -18.12 -23.91 7.32
N LYS A 12 -18.07 -22.97 8.25
CA LYS A 12 -18.90 -21.79 8.21
C LYS A 12 -18.53 -20.78 7.12
N TYR A 13 -17.25 -20.38 7.05
CA TYR A 13 -16.84 -19.38 6.07
C TYR A 13 -16.31 -19.87 4.74
N VAL A 14 -16.08 -21.17 4.55
CA VAL A 14 -15.59 -21.64 3.25
C VAL A 14 -16.62 -22.59 2.67
N HIS A 15 -16.82 -22.50 1.36
CA HIS A 15 -17.82 -23.28 0.61
C HIS A 15 -17.31 -23.57 -0.78
N SER A 16 -17.76 -24.68 -1.35
CA SER A 16 -17.37 -25.01 -2.72
C SER A 16 -17.91 -23.86 -3.57
N GLY A 17 -17.35 -23.65 -4.76
CA GLY A 17 -17.80 -22.55 -5.58
C GLY A 17 -16.96 -21.29 -5.33
N ASP A 18 -16.68 -21.02 -4.06
CA ASP A 18 -15.90 -19.86 -3.65
C ASP A 18 -14.64 -19.48 -4.41
N HIS A 19 -14.41 -18.18 -4.49
CA HIS A 19 -13.23 -17.60 -5.10
C HIS A 19 -12.44 -17.33 -3.84
N ILE A 20 -11.39 -18.12 -3.60
CA ILE A 20 -10.56 -17.97 -2.39
C ILE A 20 -9.23 -17.32 -2.70
N ALA A 21 -8.53 -16.92 -1.63
CA ALA A 21 -7.20 -16.35 -1.71
C ALA A 21 -6.42 -16.85 -0.47
N LEU A 22 -5.26 -17.43 -0.74
CA LEU A 22 -4.42 -17.97 0.33
C LEU A 22 -3.22 -17.05 0.54
N GLY A 23 -2.95 -16.74 1.80
CA GLY A 23 -1.81 -15.89 2.12
C GLY A 23 -0.46 -16.56 1.99
N GLY A 24 0.60 -15.85 2.40
CA GLY A 24 1.96 -16.39 2.36
C GLY A 24 2.62 -16.34 1.00
N PHE A 25 3.93 -16.59 0.98
CA PHE A 25 4.73 -16.57 -0.24
C PHE A 25 5.49 -17.88 -0.30
N THR A 26 5.26 -18.67 -1.35
CA THR A 26 5.87 -19.99 -1.59
C THR A 26 6.16 -20.86 -0.35
N THR A 27 7.40 -20.94 0.11
CA THR A 27 7.69 -21.73 1.32
C THR A 27 7.76 -20.84 2.55
N ASP A 28 7.20 -19.63 2.46
CA ASP A 28 7.21 -18.71 3.60
C ASP A 28 5.78 -18.33 4.02
N ARG A 29 5.44 -18.61 5.28
CA ARG A 29 4.13 -18.30 5.85
C ARG A 29 2.85 -18.66 5.07
N LYS A 30 2.73 -19.91 4.63
CA LYS A 30 1.55 -20.42 3.92
C LYS A 30 0.53 -21.00 4.94
N PRO A 31 -0.78 -20.80 4.71
CA PRO A 31 -1.71 -21.37 5.69
C PRO A 31 -1.99 -22.88 5.49
N TYR A 32 -1.03 -23.71 5.90
CA TYR A 32 -1.15 -25.18 5.76
C TYR A 32 -2.20 -25.88 6.62
N ALA A 33 -2.25 -25.61 7.92
CA ALA A 33 -3.24 -26.29 8.76
C ALA A 33 -4.62 -26.21 8.11
N ALA A 34 -4.95 -24.99 7.66
CA ALA A 34 -6.21 -24.69 7.00
C ALA A 34 -6.37 -25.42 5.69
N VAL A 35 -5.38 -25.33 4.81
CA VAL A 35 -5.48 -26.03 3.54
C VAL A 35 -5.75 -27.51 3.77
N PHE A 36 -5.39 -27.99 4.94
CA PHE A 36 -5.65 -29.39 5.23
C PHE A 36 -7.13 -29.63 5.47
N GLU A 37 -7.77 -28.74 6.23
CA GLU A 37 -9.18 -28.87 6.54
C GLU A 37 -10.07 -28.65 5.30
N ILE A 38 -9.67 -27.75 4.42
CA ILE A 38 -10.41 -27.53 3.19
C ILE A 38 -10.49 -28.90 2.50
N LEU A 39 -9.35 -29.53 2.27
CA LEU A 39 -9.33 -30.86 1.64
C LEU A 39 -10.14 -31.89 2.41
N ARG A 40 -9.82 -32.00 3.69
CA ARG A 40 -10.46 -32.93 4.60
C ARG A 40 -11.99 -32.74 4.60
N GLN A 41 -12.47 -31.57 4.20
CA GLN A 41 -13.91 -31.35 4.22
C GLN A 41 -14.66 -31.57 2.90
N GLY A 42 -13.95 -32.03 1.89
CA GLY A 42 -14.59 -32.26 0.61
C GLY A 42 -14.94 -30.96 -0.07
N ILE A 43 -14.34 -29.85 0.38
CA ILE A 43 -14.61 -28.57 -0.25
C ILE A 43 -14.03 -28.64 -1.65
N THR A 44 -14.77 -28.15 -2.64
CA THR A 44 -14.30 -28.25 -4.02
C THR A 44 -14.78 -27.14 -4.94
N ASP A 45 -14.39 -27.23 -6.21
CA ASP A 45 -14.79 -26.24 -7.21
C ASP A 45 -14.53 -24.83 -6.73
N LEU A 46 -13.28 -24.60 -6.33
CA LEU A 46 -12.77 -23.33 -5.87
C LEU A 46 -12.05 -22.66 -7.03
N THR A 47 -12.05 -21.34 -7.03
CA THR A 47 -11.33 -20.57 -8.04
C THR A 47 -10.47 -19.66 -7.17
N GLY A 48 -9.40 -19.12 -7.75
CA GLY A 48 -8.56 -18.21 -6.99
C GLY A 48 -7.34 -17.80 -7.75
N LEU A 49 -6.68 -16.77 -7.24
CA LEU A 49 -5.42 -16.33 -7.84
C LEU A 49 -4.36 -17.04 -6.99
N GLY A 50 -3.37 -17.63 -7.65
CA GLY A 50 -2.33 -18.31 -6.90
C GLY A 50 -1.37 -17.39 -6.17
N GLY A 51 -0.89 -16.37 -6.85
CA GLY A 51 0.10 -15.47 -6.27
C GLY A 51 1.37 -16.27 -6.35
N ALA A 52 2.29 -16.09 -5.40
CA ALA A 52 3.53 -16.90 -5.39
C ALA A 52 3.10 -18.16 -4.64
N ALA A 53 2.56 -19.09 -5.41
CA ALA A 53 2.02 -20.35 -4.90
C ALA A 53 3.02 -21.48 -4.65
N GLY A 54 2.70 -22.28 -3.63
CA GLY A 54 3.56 -23.39 -3.29
C GLY A 54 2.85 -24.72 -3.21
N GLY A 55 3.19 -25.50 -2.20
CA GLY A 55 2.57 -26.81 -2.05
C GLY A 55 1.10 -26.73 -1.75
N ASP A 56 0.69 -25.58 -1.22
CA ASP A 56 -0.71 -25.33 -0.86
C ASP A 56 -1.64 -25.48 -2.10
N TRP A 57 -1.44 -24.69 -3.14
CA TRP A 57 -2.28 -24.82 -4.31
C TRP A 57 -2.03 -26.13 -5.03
N ASP A 58 -0.87 -26.73 -4.80
CA ASP A 58 -0.59 -28.01 -5.45
C ASP A 58 -1.48 -29.06 -4.86
N MET A 59 -1.58 -29.06 -3.54
CA MET A 59 -2.42 -30.05 -2.91
C MET A 59 -3.88 -29.94 -3.34
N LEU A 60 -4.40 -28.72 -3.42
CA LEU A 60 -5.79 -28.50 -3.86
C LEU A 60 -5.98 -28.98 -5.31
N ILE A 61 -5.08 -28.58 -6.20
CA ILE A 61 -5.16 -28.98 -7.60
C ILE A 61 -5.13 -30.50 -7.75
N GLY A 62 -4.07 -31.13 -7.24
CA GLY A 62 -3.92 -32.57 -7.30
C GLY A 62 -5.11 -33.31 -6.74
N ASN A 63 -5.74 -32.77 -5.70
CA ASN A 63 -6.93 -33.38 -5.12
C ASN A 63 -8.18 -32.92 -5.91
N GLY A 64 -7.96 -32.46 -7.15
CA GLY A 64 -9.05 -31.99 -7.99
C GLY A 64 -10.07 -31.01 -7.42
N ARG A 65 -9.63 -30.11 -6.53
CA ARG A 65 -10.53 -29.12 -5.92
C ARG A 65 -10.53 -27.74 -6.59
N VAL A 66 -10.01 -27.60 -7.79
CA VAL A 66 -9.96 -26.29 -8.41
C VAL A 66 -10.62 -26.25 -9.79
N LYS A 67 -11.61 -25.38 -9.92
CA LYS A 67 -12.41 -25.20 -11.15
C LYS A 67 -11.63 -24.38 -12.15
N ALA A 68 -11.07 -23.28 -11.67
CA ALA A 68 -10.26 -22.40 -12.50
C ALA A 68 -9.18 -21.85 -11.57
N TYR A 69 -7.96 -21.75 -12.10
CA TYR A 69 -6.82 -21.29 -11.32
C TYR A 69 -6.14 -20.15 -12.06
N ILE A 70 -5.98 -19.00 -11.40
CA ILE A 70 -5.36 -17.82 -12.01
C ILE A 70 -3.89 -17.90 -11.58
N ASN A 71 -3.02 -18.03 -12.56
CA ASN A 71 -1.62 -18.27 -12.28
C ASN A 71 -0.53 -17.31 -12.72
N CYS A 72 0.49 -17.21 -11.85
CA CYS A 72 1.68 -16.38 -12.11
C CYS A 72 2.95 -17.20 -11.85
N TYR A 73 2.92 -18.07 -10.84
CA TYR A 73 4.06 -18.89 -10.45
C TYR A 73 3.63 -19.97 -9.44
N THR A 74 4.03 -21.21 -9.68
CA THR A 74 3.70 -22.32 -8.75
C THR A 74 4.87 -23.29 -8.55
N ALA A 75 5.52 -23.20 -7.39
CA ALA A 75 6.67 -24.06 -7.07
C ALA A 75 6.99 -24.00 -5.61
N ASN A 76 7.36 -25.13 -5.03
CA ASN A 76 7.76 -25.14 -3.64
C ASN A 76 9.25 -24.72 -3.75
N SER A 77 9.45 -23.47 -4.14
CA SER A 77 10.74 -22.84 -4.38
C SER A 77 11.90 -23.40 -3.57
N GLY A 78 12.91 -23.89 -4.28
CA GLY A 78 14.08 -24.46 -3.63
C GLY A 78 14.01 -25.97 -3.66
N VAL A 79 12.91 -26.52 -3.16
CA VAL A 79 12.69 -27.95 -3.14
C VAL A 79 12.07 -28.42 -4.48
N THR A 80 10.88 -27.94 -4.83
CA THR A 80 10.28 -28.31 -6.12
C THR A 80 10.25 -27.12 -7.04
N ASN A 81 10.94 -27.25 -8.17
CA ASN A 81 11.02 -26.19 -9.17
C ASN A 81 9.71 -25.72 -9.77
N VAL A 82 8.88 -26.69 -10.15
CA VAL A 82 7.57 -26.47 -10.77
C VAL A 82 6.71 -27.54 -10.14
N SER A 83 5.76 -27.15 -9.30
CA SER A 83 4.88 -28.11 -8.64
C SER A 83 4.42 -29.18 -9.61
N ARG A 84 4.48 -30.41 -9.12
CA ARG A 84 4.17 -31.56 -9.93
C ARG A 84 2.69 -31.85 -10.20
N ARG A 85 1.83 -31.83 -9.18
CA ARG A 85 0.41 -32.07 -9.42
C ARG A 85 -0.08 -30.99 -10.38
N PHE A 86 0.40 -29.77 -10.13
CA PHE A 86 0.09 -28.59 -10.91
C PHE A 86 0.45 -28.78 -12.38
N ARG A 87 1.72 -28.99 -12.71
CA ARG A 87 2.10 -29.15 -14.12
C ARG A 87 1.56 -30.41 -14.78
N LYS A 88 1.17 -31.39 -13.97
CA LYS A 88 0.63 -32.64 -14.50
C LYS A 88 -0.82 -32.44 -14.92
N TRP A 89 -1.63 -31.94 -13.99
CA TRP A 89 -3.01 -31.70 -14.32
C TRP A 89 -3.17 -30.71 -15.45
N PHE A 90 -2.34 -29.66 -15.47
CA PHE A 90 -2.47 -28.73 -16.58
C PHE A 90 -2.04 -29.43 -17.88
N GLU A 91 -0.95 -30.19 -17.80
CA GLU A 91 -0.45 -30.92 -18.97
C GLU A 91 -1.47 -31.98 -19.41
N ALA A 92 -2.24 -32.48 -18.47
CA ALA A 92 -3.23 -33.48 -18.79
C ALA A 92 -4.46 -32.85 -19.48
N GLY A 93 -4.68 -31.57 -19.25
CA GLY A 93 -5.83 -30.89 -19.80
C GLY A 93 -6.97 -31.05 -18.80
N LYS A 94 -6.61 -31.27 -17.55
CA LYS A 94 -7.58 -31.47 -16.47
C LYS A 94 -7.76 -30.28 -15.54
N LEU A 95 -7.14 -29.15 -15.86
CA LEU A 95 -7.23 -27.96 -15.02
C LEU A 95 -7.46 -26.72 -15.89
N THR A 96 -8.46 -25.91 -15.51
CA THR A 96 -8.80 -24.65 -16.22
C THR A 96 -7.83 -23.63 -15.63
N MET A 97 -7.00 -23.03 -16.47
CA MET A 97 -6.01 -22.09 -15.92
C MET A 97 -5.62 -20.89 -16.77
N GLU A 98 -5.49 -19.74 -16.10
CA GLU A 98 -5.08 -18.51 -16.77
C GLU A 98 -3.70 -18.10 -16.24
N ASP A 99 -2.91 -17.44 -17.08
CA ASP A 99 -1.60 -16.96 -16.72
C ASP A 99 -1.54 -15.45 -16.80
N TYR A 100 -1.13 -14.84 -15.70
CA TYR A 100 -0.91 -13.39 -15.63
C TYR A 100 0.51 -13.30 -15.06
N SER A 101 1.16 -12.17 -15.27
CA SER A 101 2.49 -11.92 -14.72
C SER A 101 2.23 -11.79 -13.21
N GLN A 102 3.22 -12.11 -12.39
CA GLN A 102 3.07 -12.03 -10.94
C GLN A 102 2.79 -10.61 -10.44
N ASP A 103 3.39 -9.65 -11.11
CA ASP A 103 3.24 -8.24 -10.76
C ASP A 103 1.77 -7.88 -10.80
N VAL A 104 1.13 -8.25 -11.91
CA VAL A 104 -0.29 -7.99 -12.10
C VAL A 104 -1.13 -8.68 -11.03
N ILE A 105 -0.80 -9.91 -10.65
CA ILE A 105 -1.55 -10.61 -9.63
C ILE A 105 -1.49 -9.88 -8.27
N TYR A 106 -0.30 -9.49 -7.83
CA TYR A 106 -0.19 -8.79 -6.55
C TYR A 106 -0.89 -7.44 -6.66
N MET A 107 -0.87 -6.84 -7.85
CA MET A 107 -1.58 -5.58 -8.07
C MET A 107 -3.10 -5.85 -7.94
N MET A 108 -3.62 -6.76 -8.75
CA MET A 108 -5.03 -7.11 -8.73
C MET A 108 -5.59 -7.20 -7.32
N TRP A 109 -4.89 -7.92 -6.46
CA TRP A 109 -5.32 -8.05 -5.09
C TRP A 109 -5.23 -6.69 -4.43
N HIS A 110 -4.17 -5.94 -4.72
CA HIS A 110 -4.03 -4.64 -4.08
C HIS A 110 -5.17 -3.68 -4.49
N ALA A 111 -5.40 -3.55 -5.79
CA ALA A 111 -6.49 -2.72 -6.31
C ALA A 111 -7.82 -3.14 -5.69
N ALA A 112 -7.98 -4.42 -5.38
CA ALA A 112 -9.22 -4.88 -4.76
C ALA A 112 -9.32 -4.33 -3.34
N ALA A 113 -8.25 -4.45 -2.58
CA ALA A 113 -8.25 -3.94 -1.22
C ALA A 113 -8.51 -2.45 -1.25
N LEU A 114 -8.06 -1.81 -2.33
CA LEU A 114 -8.21 -0.38 -2.51
C LEU A 114 -9.62 0.08 -2.92
N GLY A 115 -10.29 -0.70 -3.76
CA GLY A 115 -11.63 -0.35 -4.19
C GLY A 115 -11.63 0.21 -5.60
N LEU A 116 -10.59 -0.05 -6.38
CA LEU A 116 -10.54 0.48 -7.73
C LEU A 116 -11.56 -0.22 -8.64
N PRO A 117 -12.12 0.50 -9.62
CA PRO A 117 -13.10 -0.04 -10.56
C PRO A 117 -12.43 -1.20 -11.30
N PHE A 118 -11.20 -0.95 -11.72
CA PHE A 118 -10.42 -1.93 -12.44
C PHE A 118 -8.95 -1.52 -12.34
N LEU A 119 -8.06 -2.31 -12.93
CA LEU A 119 -6.65 -2.02 -12.84
C LEU A 119 -5.93 -1.73 -14.15
N PRO A 120 -5.50 -0.48 -14.39
CA PRO A 120 -4.80 -0.19 -15.65
C PRO A 120 -3.28 -0.31 -15.39
N VAL A 121 -2.59 -1.12 -16.19
CA VAL A 121 -1.16 -1.28 -16.02
C VAL A 121 -0.48 -1.21 -17.35
N THR A 122 0.76 -0.75 -17.36
CA THR A 122 1.52 -0.69 -18.59
C THR A 122 2.42 -1.97 -18.63
N LEU A 123 1.87 -3.11 -18.21
CA LEU A 123 2.61 -4.37 -18.14
C LEU A 123 1.91 -5.47 -18.91
N MET A 124 2.67 -6.49 -19.28
CA MET A 124 2.17 -7.66 -20.00
C MET A 124 2.02 -7.49 -21.51
N GLN A 125 2.11 -6.27 -22.00
CA GLN A 125 1.97 -6.02 -23.44
C GLN A 125 3.15 -6.53 -24.24
N GLY A 126 2.93 -6.85 -25.50
CA GLY A 126 4.00 -7.30 -26.36
C GLY A 126 4.59 -8.61 -25.89
N SER A 127 3.91 -9.23 -24.92
CA SER A 127 4.32 -10.50 -24.38
C SER A 127 3.21 -11.46 -24.72
N GLY A 128 3.51 -12.74 -24.66
CA GLY A 128 2.54 -13.76 -24.95
C GLY A 128 1.50 -13.72 -23.87
N LEU A 129 1.75 -12.95 -22.82
CA LEU A 129 0.79 -12.82 -21.72
C LEU A 129 -0.46 -12.03 -22.15
N THR A 130 -0.39 -11.39 -23.32
CA THR A 130 -1.53 -10.68 -23.88
C THR A 130 -1.92 -11.37 -25.18
N ASP A 131 -0.95 -11.98 -25.84
CA ASP A 131 -1.21 -12.67 -27.08
C ASP A 131 -1.87 -14.03 -26.87
N GLU A 132 -1.97 -14.52 -25.64
CA GLU A 132 -2.58 -15.83 -25.39
C GLU A 132 -3.47 -15.85 -24.14
N TRP A 133 -4.71 -16.33 -24.29
CA TRP A 133 -5.62 -16.47 -23.15
C TRP A 133 -5.59 -17.92 -22.72
N GLY A 134 -5.48 -18.14 -21.43
CA GLY A 134 -5.46 -19.50 -20.92
C GLY A 134 -6.88 -20.01 -20.95
N ILE A 135 -7.78 -19.21 -20.39
CA ILE A 135 -9.20 -19.50 -20.36
C ILE A 135 -9.79 -18.61 -21.45
N SER A 136 -10.29 -19.22 -22.50
CA SER A 136 -10.87 -18.47 -23.60
C SER A 136 -12.14 -17.70 -23.21
N LYS A 137 -12.48 -16.70 -24.03
CA LYS A 137 -13.68 -15.91 -23.79
C LYS A 137 -14.85 -16.88 -23.78
N GLU A 138 -14.79 -17.87 -24.65
CA GLU A 138 -15.83 -18.88 -24.76
C GLU A 138 -16.00 -19.69 -23.49
N VAL A 139 -14.90 -20.11 -22.90
CA VAL A 139 -15.00 -20.86 -21.66
C VAL A 139 -15.29 -19.94 -20.50
N ARG A 140 -14.72 -18.75 -20.50
CA ARG A 140 -14.93 -17.80 -19.40
C ARG A 140 -16.40 -17.46 -19.19
N LYS A 141 -17.12 -17.32 -20.32
CA LYS A 141 -18.55 -16.99 -20.35
C LYS A 141 -19.46 -18.01 -19.67
N THR A 142 -19.04 -19.26 -19.66
CA THR A 142 -19.82 -20.31 -19.05
C THR A 142 -19.40 -20.57 -17.61
N LEU A 143 -18.41 -19.82 -17.13
CA LEU A 143 -17.89 -20.01 -15.77
C LEU A 143 -18.34 -18.99 -14.75
N ASP A 144 -18.77 -19.49 -13.60
CA ASP A 144 -19.19 -18.63 -12.51
C ASP A 144 -17.87 -18.31 -11.82
N LYS A 145 -17.73 -17.09 -11.32
CA LYS A 145 -16.52 -16.61 -10.62
C LYS A 145 -15.30 -16.28 -11.49
N VAL A 146 -15.44 -16.31 -12.82
CA VAL A 146 -14.32 -15.97 -13.70
C VAL A 146 -14.72 -14.87 -14.71
N PRO A 147 -13.94 -13.78 -14.78
CA PRO A 147 -14.18 -12.66 -15.69
C PRO A 147 -14.41 -13.15 -17.10
N ASP A 148 -15.24 -12.44 -17.86
CA ASP A 148 -15.50 -12.83 -19.24
C ASP A 148 -14.32 -12.44 -20.07
N ASP A 149 -13.56 -11.46 -19.61
CA ASP A 149 -12.36 -11.00 -20.31
C ASP A 149 -11.11 -11.05 -19.45
N LYS A 150 -10.05 -11.62 -20.00
CA LYS A 150 -8.78 -11.70 -19.31
C LYS A 150 -8.29 -10.23 -19.12
N PHE A 151 -8.31 -9.46 -20.20
CA PHE A 151 -7.89 -8.06 -20.14
C PHE A 151 -8.56 -7.31 -21.30
N LYS A 152 -8.31 -6.00 -21.37
CA LYS A 152 -8.86 -5.17 -22.44
C LYS A 152 -7.89 -4.02 -22.67
N TYR A 153 -7.45 -3.83 -23.91
CA TYR A 153 -6.54 -2.74 -24.23
C TYR A 153 -7.35 -1.47 -24.30
N ILE A 154 -6.92 -0.44 -23.59
CA ILE A 154 -7.69 0.80 -23.59
C ILE A 154 -6.73 1.95 -23.78
N ASP A 155 -7.23 3.05 -24.33
CA ASP A 155 -6.42 4.25 -24.55
C ASP A 155 -6.08 4.86 -23.20
N ASN A 156 -4.95 5.56 -23.13
CA ASN A 156 -4.58 6.24 -21.90
C ASN A 156 -5.26 7.62 -22.08
N PRO A 157 -6.28 7.93 -21.26
CA PRO A 157 -6.99 9.21 -21.37
C PRO A 157 -6.18 10.48 -21.38
N PHE A 158 -4.95 10.42 -20.90
CA PHE A 158 -4.10 11.60 -20.85
C PHE A 158 -2.87 11.50 -21.72
N LYS A 159 -2.67 10.35 -22.38
CA LYS A 159 -1.49 10.20 -23.20
C LYS A 159 -1.95 9.59 -24.50
N PRO A 160 -2.51 10.41 -25.37
CA PRO A 160 -3.01 10.03 -26.69
C PRO A 160 -2.03 9.17 -27.51
N GLY A 161 -2.59 8.26 -28.30
CA GLY A 161 -1.78 7.36 -29.12
C GLY A 161 -1.24 6.23 -28.27
N GLU A 162 -1.33 6.37 -26.96
CA GLU A 162 -0.86 5.36 -26.03
C GLU A 162 -2.05 4.59 -25.41
N LYS A 163 -1.87 3.28 -25.29
CA LYS A 163 -2.87 2.39 -24.70
C LYS A 163 -2.23 1.62 -23.55
N VAL A 164 -3.07 1.22 -22.59
CA VAL A 164 -2.65 0.47 -21.42
C VAL A 164 -3.50 -0.82 -21.37
N VAL A 165 -3.14 -1.75 -20.51
CA VAL A 165 -3.84 -3.00 -20.35
C VAL A 165 -4.72 -2.85 -19.14
N ALA A 166 -6.04 -3.03 -19.31
CA ALA A 166 -6.96 -2.91 -18.19
C ALA A 166 -7.23 -4.32 -17.73
N VAL A 167 -7.25 -4.52 -16.42
CA VAL A 167 -7.44 -5.83 -15.83
C VAL A 167 -8.57 -5.83 -14.81
N PRO A 168 -9.43 -6.85 -14.83
CA PRO A 168 -10.54 -6.92 -13.88
C PRO A 168 -10.05 -7.11 -12.46
N VAL A 169 -10.61 -6.33 -11.53
CA VAL A 169 -10.28 -6.44 -10.11
C VAL A 169 -11.06 -7.66 -9.59
N PRO A 170 -10.38 -8.62 -8.98
CA PRO A 170 -11.02 -9.84 -8.46
C PRO A 170 -11.90 -9.64 -7.22
N GLN A 171 -12.94 -10.46 -7.09
CA GLN A 171 -13.86 -10.42 -5.95
C GLN A 171 -13.64 -11.68 -5.13
N VAL A 172 -12.95 -11.51 -4.03
CA VAL A 172 -12.57 -12.61 -3.19
C VAL A 172 -13.60 -12.91 -2.10
N ASP A 173 -14.13 -14.13 -2.11
CA ASP A 173 -15.12 -14.52 -1.14
C ASP A 173 -14.50 -14.77 0.22
N VAL A 174 -13.49 -15.65 0.25
CA VAL A 174 -12.77 -15.97 1.50
C VAL A 174 -11.26 -15.74 1.35
N ALA A 175 -10.66 -15.23 2.42
CA ALA A 175 -9.22 -15.01 2.47
C ALA A 175 -8.73 -15.81 3.66
N ILE A 176 -7.68 -16.62 3.46
CA ILE A 176 -7.11 -17.41 4.55
C ILE A 176 -5.65 -17.07 4.68
N ILE A 177 -5.27 -16.55 5.86
CA ILE A 177 -3.89 -16.15 6.14
C ILE A 177 -3.36 -16.67 7.51
N HIS A 178 -2.05 -16.87 7.62
CA HIS A 178 -1.47 -17.35 8.87
C HIS A 178 -0.60 -16.27 9.54
N ALA A 179 -0.86 -15.97 10.80
CA ALA A 179 -0.09 -14.94 11.48
C ALA A 179 0.46 -15.42 12.81
N GLN A 180 1.40 -14.66 13.39
CA GLN A 180 2.00 -15.05 14.66
C GLN A 180 1.15 -14.78 15.87
N GLN A 181 0.37 -13.70 15.86
CA GLN A 181 -0.50 -13.39 17.00
C GLN A 181 -1.80 -12.73 16.55
N ALA A 182 -2.87 -12.97 17.31
CA ALA A 182 -4.17 -12.41 17.01
C ALA A 182 -4.94 -12.34 18.32
N SER A 183 -5.92 -11.44 18.36
CA SER A 183 -6.74 -11.28 19.57
C SER A 183 -8.12 -11.94 19.38
N PRO A 184 -8.90 -12.08 20.45
CA PRO A 184 -10.21 -12.71 20.24
C PRO A 184 -11.12 -11.83 19.36
N ASP A 185 -10.83 -10.55 19.24
CA ASP A 185 -11.66 -9.69 18.41
C ASP A 185 -11.19 -9.62 16.98
N GLY A 186 -10.17 -10.39 16.65
CA GLY A 186 -9.68 -10.39 15.27
C GLY A 186 -8.49 -9.52 14.94
N THR A 187 -7.98 -8.73 15.90
CA THR A 187 -6.80 -7.92 15.61
C THR A 187 -5.64 -8.90 15.35
N VAL A 188 -4.99 -8.70 14.20
CA VAL A 188 -3.91 -9.54 13.72
C VAL A 188 -2.53 -8.89 13.62
N ARG A 189 -1.52 -9.62 14.12
CA ARG A 189 -0.11 -9.20 14.12
C ARG A 189 0.70 -10.17 13.26
N ILE A 190 1.22 -9.68 12.14
CA ILE A 190 2.08 -10.48 11.27
C ILE A 190 3.53 -9.89 11.31
N TRP A 191 4.46 -10.58 11.97
CA TRP A 191 5.86 -10.12 12.02
C TRP A 191 6.55 -10.34 10.64
N GLY A 192 7.42 -9.44 10.23
CA GLY A 192 8.07 -9.61 8.94
C GLY A 192 7.16 -9.21 7.80
N GLY A 193 7.61 -9.38 6.56
CA GLY A 193 6.80 -9.01 5.41
C GLY A 193 5.44 -9.70 5.42
N LYS A 194 4.45 -9.02 4.86
CA LYS A 194 3.09 -9.54 4.83
C LYS A 194 2.69 -10.15 3.51
N PHE A 195 3.43 -9.90 2.44
CA PHE A 195 3.05 -10.40 1.13
C PHE A 195 1.64 -9.84 0.83
N GLN A 196 0.77 -10.61 0.21
CA GLN A 196 -0.59 -10.14 -0.10
C GLN A 196 -1.54 -10.28 1.08
N ASP A 197 -1.05 -10.75 2.20
CA ASP A 197 -1.90 -10.98 3.34
C ASP A 197 -2.87 -9.92 3.83
N VAL A 198 -2.44 -8.66 3.91
CA VAL A 198 -3.33 -7.59 4.39
C VAL A 198 -4.37 -7.17 3.34
N ASP A 199 -3.94 -7.16 2.08
CA ASP A 199 -4.80 -6.83 0.95
C ASP A 199 -5.99 -7.82 0.90
N ILE A 200 -5.70 -9.11 0.80
CA ILE A 200 -6.76 -10.12 0.73
C ILE A 200 -7.65 -10.23 1.98
N ALA A 201 -7.22 -9.67 3.12
CA ALA A 201 -8.07 -9.69 4.34
C ALA A 201 -8.93 -8.43 4.36
N GLU A 202 -8.62 -7.48 3.49
CA GLU A 202 -9.37 -6.26 3.37
C GLU A 202 -10.40 -6.48 2.26
N ALA A 203 -9.95 -7.11 1.17
CA ALA A 203 -10.79 -7.41 0.02
C ALA A 203 -11.84 -8.46 0.29
N ALA A 204 -11.42 -9.67 0.65
CA ALA A 204 -12.33 -10.79 0.90
C ALA A 204 -13.54 -10.44 1.73
N LYS A 205 -14.67 -11.03 1.38
CA LYS A 205 -15.90 -10.82 2.10
C LYS A 205 -15.79 -11.44 3.46
N TYR A 206 -15.23 -12.64 3.50
CA TYR A 206 -15.01 -13.38 4.75
C TYR A 206 -13.52 -13.61 4.92
N THR A 207 -13.00 -13.44 6.14
CA THR A 207 -11.57 -13.66 6.39
C THR A 207 -11.30 -14.61 7.56
N ILE A 208 -10.49 -15.62 7.30
CA ILE A 208 -10.12 -16.56 8.35
C ILE A 208 -8.63 -16.41 8.66
N VAL A 209 -8.32 -16.23 9.94
CA VAL A 209 -6.95 -16.05 10.36
C VAL A 209 -6.44 -17.18 11.28
N THR A 210 -5.50 -17.99 10.81
CA THR A 210 -4.94 -19.03 11.70
C THR A 210 -3.72 -18.35 12.33
N CYS A 211 -3.56 -18.50 13.65
CA CYS A 211 -2.47 -17.86 14.34
C CYS A 211 -1.70 -18.77 15.33
N GLU A 212 -0.43 -18.49 15.54
CA GLU A 212 0.42 -19.27 16.44
C GLU A 212 -0.02 -19.08 17.87
N GLU A 213 -0.45 -17.87 18.18
CA GLU A 213 -0.95 -17.60 19.51
C GLU A 213 -1.99 -16.52 19.52
N ILE A 214 -2.77 -16.51 20.59
CA ILE A 214 -3.85 -15.59 20.81
C ILE A 214 -3.55 -14.81 22.07
N ILE A 215 -3.60 -13.48 22.00
CA ILE A 215 -3.38 -12.64 23.17
C ILE A 215 -4.63 -11.78 23.43
N SER A 216 -4.81 -11.34 24.67
CA SER A 216 -5.97 -10.55 25.04
C SER A 216 -6.05 -9.29 24.23
N ASP A 217 -7.25 -8.71 24.17
CA ASP A 217 -7.45 -7.49 23.41
C ASP A 217 -6.69 -6.39 24.08
N GLU A 218 -6.76 -6.33 25.41
CA GLU A 218 -6.02 -5.31 26.15
C GLU A 218 -4.53 -5.32 25.74
N GLU A 219 -3.95 -6.51 25.69
CA GLU A 219 -2.55 -6.71 25.34
C GLU A 219 -2.09 -6.28 23.93
N ILE A 220 -2.82 -6.71 22.91
CA ILE A 220 -2.47 -6.41 21.52
C ILE A 220 -2.59 -4.93 21.14
N ARG A 221 -3.18 -4.14 22.04
CA ARG A 221 -3.35 -2.73 21.79
C ARG A 221 -2.29 -1.91 22.49
N ARG A 222 -1.59 -2.52 23.46
CA ARG A 222 -0.52 -1.86 24.21
C ARG A 222 0.49 -1.14 23.28
N ASP A 223 0.67 -1.65 22.06
CA ASP A 223 1.55 -1.01 21.09
C ASP A 223 0.87 -1.14 19.72
N PRO A 224 0.01 -0.18 19.38
CA PRO A 224 -0.74 -0.16 18.12
C PRO A 224 0.11 -0.31 16.89
N THR A 225 1.37 0.09 16.98
CA THR A 225 2.27 0.04 15.82
C THR A 225 2.55 -1.36 15.24
N LYS A 226 2.40 -2.39 16.04
CA LYS A 226 2.68 -3.74 15.57
C LYS A 226 1.49 -4.45 14.91
N ASN A 227 0.30 -3.88 14.99
CA ASN A 227 -0.85 -4.54 14.42
C ASN A 227 -0.99 -4.27 12.92
N ASP A 228 -1.34 -5.31 12.16
CA ASP A 228 -1.44 -5.18 10.71
C ASP A 228 -2.86 -5.20 10.13
N ILE A 229 -3.81 -5.72 10.91
CA ILE A 229 -5.21 -5.79 10.51
C ILE A 229 -6.11 -5.55 11.71
N PRO A 230 -7.15 -4.70 11.54
CA PRO A 230 -8.14 -4.33 12.56
C PRO A 230 -9.13 -5.47 12.67
N GLY A 231 -9.64 -5.70 13.87
CA GLY A 231 -10.59 -6.78 14.09
C GLY A 231 -11.73 -6.85 13.09
N MET A 232 -12.31 -5.70 12.76
CA MET A 232 -13.42 -5.57 11.80
C MET A 232 -13.30 -6.42 10.53
N CYS A 233 -12.10 -6.50 9.97
CA CYS A 233 -11.89 -7.26 8.74
C CYS A 233 -11.75 -8.76 8.93
N VAL A 234 -11.75 -9.20 10.18
CA VAL A 234 -11.54 -10.60 10.51
C VAL A 234 -12.75 -11.30 11.12
N ASP A 235 -13.13 -12.46 10.55
CA ASP A 235 -14.29 -13.22 11.03
C ASP A 235 -14.01 -14.42 11.92
N ALA A 236 -13.03 -15.24 11.54
CA ALA A 236 -12.64 -16.43 12.32
C ALA A 236 -11.17 -16.43 12.75
N VAL A 237 -10.93 -16.53 14.06
CA VAL A 237 -9.58 -16.61 14.63
C VAL A 237 -9.40 -18.03 15.14
N VAL A 238 -8.38 -18.71 14.63
CA VAL A 238 -8.11 -20.10 15.03
C VAL A 238 -6.67 -20.31 15.54
N LEU A 239 -6.53 -20.87 16.74
CA LEU A 239 -5.20 -21.13 17.30
C LEU A 239 -4.59 -22.36 16.62
N ALA A 240 -3.55 -22.16 15.83
CA ALA A 240 -2.90 -23.26 15.14
C ALA A 240 -1.37 -23.16 15.11
N PRO A 241 -0.70 -23.65 16.18
CA PRO A 241 0.75 -23.66 16.36
C PRO A 241 1.44 -24.38 15.22
N TYR A 242 2.45 -23.74 14.64
CA TYR A 242 3.19 -24.26 13.49
C TYR A 242 2.25 -24.50 12.33
N GLY A 243 1.14 -23.77 12.33
CA GLY A 243 0.15 -23.89 11.27
C GLY A 243 0.68 -23.62 9.87
N ALA A 244 1.90 -23.09 9.76
CA ALA A 244 2.48 -22.79 8.45
C ALA A 244 3.37 -23.92 8.03
N HIS A 245 3.62 -24.86 8.93
CA HIS A 245 4.50 -25.98 8.65
C HIS A 245 3.97 -26.72 7.45
N PRO A 246 4.87 -27.14 6.54
CA PRO A 246 6.33 -27.04 6.47
C PRO A 246 6.97 -25.71 6.02
N SER A 247 6.23 -24.61 6.00
CA SER A 247 6.82 -23.36 5.54
C SER A 247 7.29 -22.50 6.70
N GLN A 248 8.16 -21.54 6.39
CA GLN A 248 8.73 -20.61 7.39
C GLN A 248 7.65 -19.77 8.04
N CYS A 249 8.03 -19.08 9.10
CA CYS A 249 7.13 -18.22 9.79
C CYS A 249 8.04 -17.38 10.63
N TYR A 250 8.42 -16.25 10.03
CA TYR A 250 9.31 -15.26 10.59
C TYR A 250 9.33 -15.13 12.12
N GLY A 251 10.53 -15.26 12.68
CA GLY A 251 10.70 -15.09 14.12
C GLY A 251 10.25 -16.26 14.93
N LEU A 252 9.70 -17.28 14.28
CA LEU A 252 9.25 -18.45 15.01
C LEU A 252 9.93 -19.74 14.59
N TYR A 253 9.92 -20.05 13.30
CA TYR A 253 10.53 -21.29 12.85
C TYR A 253 10.87 -21.26 11.40
N ASP A 254 11.76 -22.14 11.00
CA ASP A 254 12.29 -22.26 9.65
C ASP A 254 11.55 -23.37 8.84
N TYR A 255 11.74 -23.39 7.52
CA TYR A 255 11.06 -24.43 6.76
C TYR A 255 11.59 -25.80 7.11
N ASP A 256 10.74 -26.80 6.97
CA ASP A 256 11.07 -28.18 7.27
C ASP A 256 11.51 -28.81 5.96
N ASN A 257 12.77 -28.65 5.63
CA ASN A 257 13.34 -29.19 4.38
C ASN A 257 13.22 -30.69 4.12
N PRO A 258 13.38 -31.53 5.16
CA PRO A 258 13.25 -32.97 4.91
C PRO A 258 11.82 -33.21 4.40
N PHE A 259 10.84 -32.69 5.15
CA PHE A 259 9.43 -32.81 4.80
C PHE A 259 9.16 -32.32 3.37
N LEU A 260 9.59 -31.10 3.05
CA LEU A 260 9.35 -30.59 1.70
C LEU A 260 9.99 -31.49 0.67
N LYS A 261 11.02 -32.23 1.04
CA LYS A 261 11.69 -33.12 0.09
C LYS A 261 10.85 -34.37 -0.14
N VAL A 262 10.20 -34.84 0.91
CA VAL A 262 9.33 -36.01 0.83
C VAL A 262 8.26 -35.66 -0.18
N TYR A 263 7.56 -34.55 0.09
CA TYR A 263 6.50 -34.07 -0.80
C TYR A 263 7.00 -33.93 -2.24
N ASP A 264 8.23 -33.45 -2.43
CA ASP A 264 8.77 -33.26 -3.77
C ASP A 264 8.76 -34.53 -4.58
N LYS A 265 9.11 -35.65 -3.95
CA LYS A 265 9.18 -36.91 -4.65
C LYS A 265 7.82 -37.58 -4.68
N VAL A 266 7.13 -37.54 -3.56
CA VAL A 266 5.80 -38.11 -3.44
C VAL A 266 4.86 -37.58 -4.55
N SER A 267 4.81 -36.27 -4.72
CA SER A 267 3.96 -35.65 -5.73
C SER A 267 4.36 -35.90 -7.19
N LYS A 268 5.31 -36.80 -7.45
CA LYS A 268 5.70 -37.04 -8.85
C LYS A 268 4.70 -37.94 -9.54
N THR A 269 3.81 -38.54 -8.76
CA THR A 269 2.76 -39.40 -9.29
C THR A 269 1.53 -39.29 -8.40
N GLN A 270 0.37 -39.37 -9.04
CA GLN A 270 -0.92 -39.31 -8.38
C GLN A 270 -1.07 -40.38 -7.30
N GLU A 271 -0.49 -41.55 -7.55
CA GLU A 271 -0.55 -42.67 -6.61
C GLU A 271 0.19 -42.36 -5.32
N ASP A 272 1.46 -41.99 -5.49
CA ASP A 272 2.34 -41.66 -4.38
C ASP A 272 1.71 -40.49 -3.65
N PHE A 273 1.17 -39.56 -4.45
CA PHE A 273 0.52 -38.37 -3.96
C PHE A 273 -0.69 -38.66 -3.08
N ASP A 274 -1.64 -39.42 -3.62
CA ASP A 274 -2.88 -39.78 -2.92
C ASP A 274 -2.56 -40.55 -1.66
N ALA A 275 -1.53 -41.38 -1.76
CA ALA A 275 -1.08 -42.19 -0.63
C ALA A 275 -0.62 -41.25 0.48
N PHE A 276 0.22 -40.28 0.09
CA PHE A 276 0.73 -39.26 0.99
C PHE A 276 -0.42 -38.53 1.65
N CYS A 277 -1.37 -38.06 0.84
CA CYS A 277 -2.51 -37.34 1.38
C CYS A 277 -3.33 -38.16 2.34
N LYS A 278 -3.55 -39.44 2.04
CA LYS A 278 -4.34 -40.26 2.95
C LYS A 278 -3.73 -40.32 4.36
N GLU A 279 -2.40 -40.38 4.43
CA GLU A 279 -1.67 -40.44 5.70
C GLU A 279 -1.60 -39.12 6.47
N TRP A 280 -1.16 -38.07 5.78
CA TRP A 280 -1.02 -36.74 6.40
C TRP A 280 -2.28 -35.88 6.53
N VAL A 281 -3.19 -36.01 5.57
CA VAL A 281 -4.42 -35.24 5.57
C VAL A 281 -5.67 -35.97 6.04
N PHE A 282 -6.16 -36.84 5.16
CA PHE A 282 -7.40 -37.58 5.41
C PHE A 282 -7.45 -38.46 6.63
N ASP A 283 -6.33 -39.09 6.97
CA ASP A 283 -6.30 -39.96 8.14
C ASP A 283 -6.22 -39.26 9.49
N LEU A 284 -5.86 -37.97 9.51
CA LEU A 284 -5.73 -37.27 10.78
C LEU A 284 -6.97 -36.45 11.14
N LYS A 285 -7.46 -36.62 12.37
CA LYS A 285 -8.66 -35.93 12.88
C LYS A 285 -8.56 -34.42 13.01
N ASP A 286 -7.39 -33.91 13.34
CA ASP A 286 -7.21 -32.48 13.50
C ASP A 286 -5.73 -32.11 13.50
N HIS A 287 -5.45 -30.82 13.60
CA HIS A 287 -4.09 -30.29 13.57
C HIS A 287 -3.20 -30.84 14.71
N ASP A 288 -3.76 -30.97 15.89
CA ASP A 288 -3.00 -31.51 16.99
C ASP A 288 -2.39 -32.84 16.52
N GLU A 289 -3.18 -33.71 15.91
CA GLU A 289 -2.72 -35.00 15.41
C GLU A 289 -1.54 -34.86 14.48
N TYR A 290 -1.55 -33.78 13.70
CA TYR A 290 -0.47 -33.52 12.77
C TYR A 290 0.80 -33.20 13.56
N LEU A 291 0.66 -32.36 14.59
CA LEU A 291 1.81 -31.97 15.41
C LEU A 291 2.41 -33.17 16.12
N ASN A 292 1.54 -33.99 16.69
CA ASN A 292 1.99 -35.16 17.40
C ASN A 292 2.66 -36.17 16.49
N LYS A 293 2.12 -36.32 15.29
CA LYS A 293 2.68 -37.23 14.30
C LYS A 293 4.12 -36.81 14.08
N LEU A 294 4.32 -35.51 13.89
CA LEU A 294 5.66 -34.95 13.68
C LEU A 294 6.58 -35.20 14.88
N GLY A 295 6.08 -34.99 16.09
CA GLY A 295 6.91 -35.23 17.26
C GLY A 295 7.52 -33.95 17.78
N ALA A 296 7.68 -33.88 19.10
CA ALA A 296 8.23 -32.74 19.83
C ALA A 296 9.56 -32.22 19.32
N THR A 297 10.64 -32.97 19.54
CA THR A 297 11.95 -32.48 19.12
C THR A 297 12.03 -31.98 17.67
N ARG A 298 11.28 -32.61 16.78
CA ARG A 298 11.29 -32.24 15.38
C ARG A 298 10.88 -30.83 15.15
N LEU A 299 9.88 -30.38 15.90
CA LEU A 299 9.37 -29.02 15.79
C LEU A 299 10.33 -28.03 16.40
N ILE A 300 10.87 -28.41 17.56
CA ILE A 300 11.84 -27.62 18.33
C ILE A 300 13.08 -27.31 17.48
N ASN A 301 13.55 -28.26 16.70
CA ASN A 301 14.73 -28.04 15.89
C ASN A 301 14.51 -27.22 14.65
N LEU A 302 13.35 -26.59 14.56
CA LEU A 302 13.03 -25.76 13.40
C LEU A 302 13.03 -24.31 13.84
N LYS A 303 13.13 -24.09 15.15
CA LYS A 303 13.11 -22.74 15.68
C LYS A 303 14.18 -21.79 15.17
N VAL A 304 13.79 -20.54 15.06
CA VAL A 304 14.65 -19.47 14.60
C VAL A 304 15.67 -19.09 15.69
N VAL A 305 16.90 -18.76 15.28
CA VAL A 305 17.97 -18.34 16.19
C VAL A 305 17.99 -16.81 16.19
N PRO A 306 17.68 -16.17 17.34
CA PRO A 306 17.65 -14.72 17.47
C PRO A 306 18.94 -14.19 16.90
N GLY A 307 18.86 -13.13 16.12
CA GLY A 307 20.06 -12.60 15.53
C GLY A 307 20.23 -13.09 14.11
N LEU A 308 19.86 -14.34 13.87
CA LEU A 308 19.98 -14.88 12.52
C LEU A 308 18.65 -14.85 11.78
N GLY A 309 17.57 -15.11 12.50
CA GLY A 309 16.28 -15.07 11.84
C GLY A 309 15.92 -16.39 11.20
N TYR A 310 16.84 -17.33 11.17
CA TYR A 310 16.58 -18.64 10.63
C TYR A 310 17.16 -19.70 11.56
N HIS A 311 17.18 -20.95 11.15
CA HIS A 311 17.71 -21.98 12.03
C HIS A 311 19.06 -22.48 11.60
N ILE A 312 19.94 -22.49 12.60
CA ILE A 312 21.30 -22.95 12.48
C ILE A 312 21.48 -23.75 13.76
N ASP A 313 22.26 -24.80 13.64
CA ASP A 313 22.54 -25.66 14.78
C ASP A 313 23.70 -24.97 15.51
N MET A 314 23.41 -24.40 16.67
CA MET A 314 24.41 -23.68 17.44
C MET A 314 25.39 -24.52 18.23
N THR A 315 25.05 -25.79 18.45
CA THR A 315 25.94 -26.68 19.18
C THR A 315 27.15 -27.01 18.31
N LYS A 316 27.08 -26.66 17.04
CA LYS A 316 28.19 -26.91 16.14
C LYS A 316 28.76 -25.56 15.73
N GLU A 317 28.55 -24.56 16.60
CA GLU A 317 29.03 -23.20 16.39
C GLU A 317 29.87 -22.80 17.60
N ASP B 1 38.97 -24.82 -2.27
CA ASP B 1 39.11 -23.39 -2.63
C ASP B 1 40.47 -23.17 -3.27
N TYR B 2 40.63 -23.75 -4.46
CA TYR B 2 41.91 -23.68 -5.14
C TYR B 2 41.82 -23.19 -6.58
N THR B 3 42.31 -24.00 -7.51
CA THR B 3 42.31 -23.64 -8.92
C THR B 3 41.45 -24.56 -9.79
N ASN B 4 40.72 -25.46 -9.15
CA ASN B 4 39.84 -26.37 -9.89
C ASN B 4 38.46 -25.75 -9.86
N TYR B 5 38.23 -24.72 -10.68
CA TYR B 5 36.95 -24.04 -10.72
C TYR B 5 35.92 -24.82 -11.52
N THR B 6 34.66 -24.74 -11.10
CA THR B 6 33.56 -25.43 -11.77
C THR B 6 32.97 -24.50 -12.85
N ASN B 7 32.15 -25.04 -13.75
CA ASN B 7 31.54 -24.20 -14.80
C ASN B 7 30.60 -23.16 -14.19
N LYS B 8 29.87 -23.56 -13.15
CA LYS B 8 28.96 -22.63 -12.47
C LYS B 8 29.74 -21.48 -11.82
N GLU B 9 30.89 -21.79 -11.23
CA GLU B 9 31.73 -20.75 -10.60
C GLU B 9 32.26 -19.81 -11.67
N MET B 10 32.58 -20.34 -12.84
CA MET B 10 33.08 -19.51 -13.92
C MET B 10 31.97 -18.52 -14.25
N GLN B 11 30.74 -19.02 -14.35
CA GLN B 11 29.60 -18.18 -14.65
C GLN B 11 29.32 -17.18 -13.53
N ALA B 12 29.23 -17.66 -12.30
CA ALA B 12 28.97 -16.80 -11.17
C ALA B 12 30.02 -15.70 -11.01
N VAL B 13 31.24 -15.95 -11.48
CA VAL B 13 32.29 -14.94 -11.38
C VAL B 13 32.11 -13.92 -12.50
N THR B 14 31.82 -14.42 -13.70
CA THR B 14 31.61 -13.58 -14.87
C THR B 14 30.40 -12.66 -14.65
N ILE B 15 29.40 -13.16 -13.95
CA ILE B 15 28.22 -12.39 -13.64
C ILE B 15 28.71 -11.24 -12.77
N ALA B 16 29.35 -11.59 -11.66
CA ALA B 16 29.87 -10.62 -10.69
C ALA B 16 30.81 -9.57 -11.28
N LYS B 17 31.47 -9.88 -12.38
CA LYS B 17 32.36 -8.89 -12.99
C LYS B 17 31.59 -7.83 -13.77
N GLN B 18 30.28 -8.03 -13.91
CA GLN B 18 29.43 -7.09 -14.66
C GLN B 18 28.68 -6.09 -13.78
N ILE B 19 28.64 -6.33 -12.47
CA ILE B 19 27.95 -5.45 -11.55
C ILE B 19 28.82 -4.25 -11.22
N LYS B 20 28.53 -3.10 -11.84
CA LYS B 20 29.28 -1.89 -11.53
C LYS B 20 28.92 -1.51 -10.09
N ASN B 21 29.72 -0.65 -9.47
CA ASN B 21 29.49 -0.24 -8.08
C ASN B 21 28.36 0.79 -7.92
N GLY B 22 27.56 0.63 -6.86
CA GLY B 22 26.45 1.54 -6.64
C GLY B 22 25.13 1.27 -7.37
N GLN B 23 25.16 0.42 -8.40
CA GLN B 23 23.94 0.13 -9.14
C GLN B 23 23.05 -0.84 -8.38
N VAL B 24 21.75 -0.83 -8.71
CA VAL B 24 20.75 -1.69 -8.07
C VAL B 24 20.60 -2.98 -8.90
N VAL B 25 20.65 -4.11 -8.23
CA VAL B 25 20.60 -5.41 -8.87
C VAL B 25 19.41 -6.27 -8.43
N THR B 26 18.56 -6.64 -9.39
CA THR B 26 17.39 -7.51 -9.09
C THR B 26 17.84 -8.94 -9.38
N VAL B 27 17.74 -9.83 -8.39
CA VAL B 27 18.11 -11.25 -8.57
C VAL B 27 17.18 -12.22 -7.85
N GLY B 28 17.33 -13.51 -8.13
CA GLY B 28 16.51 -14.48 -7.45
C GLY B 28 17.43 -15.25 -6.52
N THR B 29 17.62 -16.52 -6.84
CA THR B 29 18.53 -17.38 -6.10
C THR B 29 19.29 -18.01 -7.26
N GLY B 30 20.07 -19.04 -6.99
CA GLY B 30 20.81 -19.65 -8.09
C GLY B 30 22.08 -18.90 -8.39
N LEU B 31 22.62 -19.10 -9.58
CA LEU B 31 23.87 -18.44 -9.95
C LEU B 31 23.87 -16.91 -9.84
N PRO B 32 22.82 -16.23 -10.33
CA PRO B 32 22.88 -14.77 -10.22
C PRO B 32 23.03 -14.32 -8.78
N LEU B 33 22.42 -15.03 -7.84
CA LEU B 33 22.54 -14.64 -6.45
C LEU B 33 23.97 -14.80 -5.99
N ILE B 34 24.61 -15.91 -6.39
CA ILE B 34 26.00 -16.16 -6.03
C ILE B 34 26.80 -14.97 -6.58
N GLY B 35 26.71 -14.73 -7.88
CA GLY B 35 27.41 -13.63 -8.49
C GLY B 35 27.18 -12.28 -7.81
N ALA B 36 25.96 -12.01 -7.41
CA ALA B 36 25.65 -10.75 -6.76
C ALA B 36 26.42 -10.74 -5.46
N SER B 37 26.31 -11.83 -4.68
CA SER B 37 27.02 -11.97 -3.40
C SER B 37 28.54 -11.77 -3.50
N VAL B 38 29.13 -12.22 -4.60
CA VAL B 38 30.57 -12.07 -4.84
C VAL B 38 30.97 -10.64 -5.21
N ALA B 39 30.18 -9.96 -6.05
CA ALA B 39 30.47 -8.58 -6.45
C ALA B 39 30.29 -7.72 -5.20
N LYS B 40 29.17 -7.93 -4.54
CA LYS B 40 28.79 -7.22 -3.32
C LYS B 40 29.97 -7.27 -2.35
N ARG B 41 30.58 -8.44 -2.22
CA ARG B 41 31.71 -8.64 -1.33
C ARG B 41 33.04 -8.11 -1.82
N VAL B 42 33.32 -8.19 -3.11
CA VAL B 42 34.61 -7.70 -3.59
C VAL B 42 34.62 -6.65 -4.70
N TYR B 43 34.06 -6.97 -5.86
CA TYR B 43 34.07 -6.04 -6.98
C TYR B 43 33.30 -4.73 -6.80
N ALA B 44 32.09 -4.81 -6.29
CA ALA B 44 31.23 -3.63 -6.11
C ALA B 44 30.52 -3.67 -4.77
N PRO B 45 31.21 -3.29 -3.69
CA PRO B 45 30.69 -3.28 -2.33
C PRO B 45 29.39 -2.50 -2.09
N ASP B 46 29.18 -1.40 -2.79
CA ASP B 46 27.95 -0.63 -2.57
C ASP B 46 26.89 -0.71 -3.66
N CYS B 47 26.74 -1.91 -4.20
CA CYS B 47 25.72 -2.16 -5.20
C CYS B 47 24.58 -2.61 -4.28
N HIS B 48 23.35 -2.60 -4.74
CA HIS B 48 22.26 -3.00 -3.87
C HIS B 48 21.35 -4.04 -4.49
N ILE B 49 21.20 -5.16 -3.79
CA ILE B 49 20.39 -6.28 -4.25
C ILE B 49 18.94 -6.13 -3.79
N ILE B 50 18.01 -6.34 -4.70
CA ILE B 50 16.59 -6.25 -4.36
C ILE B 50 15.89 -7.45 -4.98
N VAL B 51 14.91 -7.99 -4.28
CA VAL B 51 14.18 -9.14 -4.80
C VAL B 51 12.67 -8.92 -4.97
N GLU B 52 12.12 -9.49 -6.05
CA GLU B 52 10.71 -9.38 -6.42
C GLU B 52 9.64 -9.57 -5.38
N SER B 53 9.94 -10.12 -4.22
CA SER B 53 8.90 -10.26 -3.22
C SER B 53 8.83 -9.02 -2.34
N GLY B 54 9.57 -7.99 -2.74
CA GLY B 54 9.58 -6.75 -1.99
C GLY B 54 10.65 -6.60 -0.90
N LEU B 55 11.71 -7.41 -0.93
CA LEU B 55 12.80 -7.34 0.07
C LEU B 55 13.92 -6.46 -0.48
N MET B 56 14.06 -5.28 0.14
CA MET B 56 14.97 -4.22 -0.29
C MET B 56 16.35 -4.10 0.33
N ASP B 57 17.38 -4.03 -0.52
CA ASP B 57 18.77 -3.86 -0.08
C ASP B 57 19.18 -5.07 0.76
N CYS B 58 19.42 -6.19 0.08
CA CYS B 58 19.74 -7.45 0.72
C CYS B 58 21.21 -7.72 0.92
N SER B 59 21.50 -8.45 1.99
CA SER B 59 22.85 -8.87 2.34
C SER B 59 22.68 -10.18 3.12
N PRO B 60 22.48 -11.28 2.40
CA PRO B 60 22.29 -12.59 3.04
C PRO B 60 23.55 -13.09 3.76
N VAL B 61 23.36 -14.01 4.70
CA VAL B 61 24.48 -14.65 5.40
C VAL B 61 24.41 -15.98 4.66
N GLU B 62 23.66 -16.93 5.19
CA GLU B 62 23.49 -18.21 4.49
C GLU B 62 22.68 -17.89 3.22
N VAL B 63 23.08 -18.40 2.07
CA VAL B 63 22.35 -18.13 0.83
C VAL B 63 20.90 -18.62 0.90
N PRO B 64 19.94 -17.81 0.38
CA PRO B 64 18.50 -18.10 0.33
C PRO B 64 18.20 -19.12 -0.76
N ARG B 65 17.11 -19.85 -0.57
CA ARG B 65 16.66 -20.88 -1.53
C ARG B 65 15.53 -20.37 -2.43
N SER B 66 14.73 -19.46 -1.88
CA SER B 66 13.62 -18.82 -2.59
C SER B 66 13.69 -17.34 -2.30
N VAL B 67 13.22 -16.50 -3.22
CA VAL B 67 13.25 -15.05 -3.00
C VAL B 67 12.34 -14.47 -1.89
N GLY B 68 11.79 -15.31 -1.02
CA GLY B 68 10.95 -14.84 0.06
C GLY B 68 11.38 -15.48 1.38
N ASP B 69 12.55 -16.09 1.34
CA ASP B 69 13.17 -16.79 2.45
C ASP B 69 13.47 -15.83 3.61
N LEU B 70 13.49 -16.35 4.83
CA LEU B 70 13.86 -15.57 6.00
C LEU B 70 15.37 -15.28 5.84
N ARG B 71 16.04 -16.09 5.02
CA ARG B 71 17.46 -15.92 4.79
C ARG B 71 17.70 -14.53 4.19
N PHE B 72 16.69 -13.99 3.49
CA PHE B 72 16.74 -12.66 2.87
C PHE B 72 16.03 -11.67 3.80
N MET B 73 14.79 -12.01 4.14
CA MET B 73 13.94 -11.19 4.98
C MET B 73 14.61 -10.64 6.23
N ALA B 74 15.35 -11.50 6.94
CA ALA B 74 16.01 -11.09 8.19
C ALA B 74 17.34 -10.34 7.94
N HIS B 75 17.76 -10.27 6.68
CA HIS B 75 19.00 -9.61 6.31
C HIS B 75 18.83 -8.71 5.10
N CYS B 76 18.01 -7.67 5.28
CA CYS B 76 17.73 -6.67 4.26
C CYS B 76 17.55 -5.32 4.93
N GLY B 77 17.56 -4.25 4.15
CA GLY B 77 17.38 -2.93 4.71
C GLY B 77 15.91 -2.56 4.88
N CYS B 78 15.09 -2.92 3.91
CA CYS B 78 13.67 -2.61 3.99
C CYS B 78 12.77 -3.73 3.47
N ILE B 79 11.82 -4.14 4.30
CA ILE B 79 10.87 -5.19 3.91
C ILE B 79 9.58 -4.54 3.37
N TRP B 80 9.53 -4.31 2.06
CA TRP B 80 8.37 -3.69 1.44
C TRP B 80 7.36 -4.68 0.87
N PRO B 81 6.13 -4.21 0.62
CA PRO B 81 5.07 -5.04 0.05
C PRO B 81 5.45 -5.26 -1.40
N ASN B 82 5.05 -6.38 -1.97
CA ASN B 82 5.39 -6.69 -3.34
C ASN B 82 5.11 -5.50 -4.25
N VAL B 83 3.90 -4.93 -4.15
CA VAL B 83 3.50 -3.81 -5.01
C VAL B 83 4.52 -2.66 -5.12
N ARG B 84 5.10 -2.26 -3.97
CA ARG B 84 6.11 -1.20 -3.96
C ARG B 84 7.35 -1.58 -4.79
N PHE B 85 7.65 -2.87 -4.87
CA PHE B 85 8.78 -3.33 -5.70
C PHE B 85 8.49 -3.03 -7.18
N VAL B 86 7.31 -3.40 -7.65
CA VAL B 86 6.91 -3.13 -9.03
C VAL B 86 6.87 -1.60 -9.17
N GLY B 87 6.41 -0.92 -8.13
CA GLY B 87 6.36 0.52 -8.18
C GLY B 87 7.77 1.08 -8.35
N PHE B 88 8.72 0.40 -7.72
CA PHE B 88 10.11 0.77 -7.77
C PHE B 88 10.71 0.58 -9.17
N GLU B 89 10.62 -0.61 -9.75
CA GLU B 89 11.24 -0.77 -11.06
C GLU B 89 10.73 0.20 -12.11
N ILE B 90 9.43 0.50 -12.06
CA ILE B 90 8.79 1.43 -13.01
C ILE B 90 9.33 2.84 -12.81
N ASN B 91 9.26 3.35 -11.57
CA ASN B 91 9.75 4.68 -11.23
C ASN B 91 11.22 4.90 -11.63
N GLU B 92 12.04 3.87 -11.49
CA GLU B 92 13.44 3.93 -11.89
C GLU B 92 13.50 4.35 -13.36
N TYR B 93 12.58 3.80 -14.15
CA TYR B 93 12.48 4.08 -15.57
C TYR B 93 11.99 5.52 -15.74
N LEU B 94 11.01 5.90 -14.93
CA LEU B 94 10.47 7.24 -15.02
C LEU B 94 11.47 8.26 -14.56
N HIS B 95 12.22 7.93 -13.51
CA HIS B 95 13.23 8.83 -12.96
C HIS B 95 14.47 8.88 -13.83
N LYS B 96 14.62 7.90 -14.71
CA LYS B 96 15.78 7.77 -15.61
C LYS B 96 17.00 7.63 -14.73
N ALA B 97 16.85 6.89 -13.62
CA ALA B 97 17.93 6.68 -12.67
C ALA B 97 19.09 5.94 -13.33
N ASN B 98 18.74 5.13 -14.32
CA ASN B 98 19.70 4.37 -15.11
C ASN B 98 20.82 3.69 -14.32
N ARG B 99 20.43 2.98 -13.26
CA ARG B 99 21.39 2.31 -12.39
C ARG B 99 20.91 0.90 -12.03
N LEU B 100 19.82 0.46 -12.65
CA LEU B 100 19.27 -0.87 -12.35
C LEU B 100 19.68 -1.90 -13.39
N ILE B 101 19.96 -3.11 -12.91
CA ILE B 101 20.33 -4.21 -13.79
C ILE B 101 19.59 -5.40 -13.21
N ALA B 102 19.03 -6.23 -14.07
CA ALA B 102 18.25 -7.39 -13.61
C ALA B 102 18.54 -8.74 -14.26
N PHE B 103 18.31 -9.78 -13.48
CA PHE B 103 18.53 -11.12 -13.97
C PHE B 103 17.23 -11.89 -14.22
N ILE B 104 17.13 -12.51 -15.40
CA ILE B 104 16.02 -13.38 -15.74
C ILE B 104 16.57 -14.70 -16.30
N GLY B 105 15.76 -15.75 -16.26
CA GLY B 105 16.17 -17.04 -16.79
C GLY B 105 15.29 -17.49 -17.96
N GLY B 106 15.14 -18.80 -18.14
CA GLY B 106 14.32 -19.26 -19.23
C GLY B 106 14.73 -20.54 -19.93
N ALA B 107 13.80 -21.09 -20.68
CA ALA B 107 13.99 -22.33 -21.40
C ALA B 107 14.39 -22.18 -22.84
N GLN B 108 14.01 -21.09 -23.49
CA GLN B 108 14.38 -20.87 -24.90
C GLN B 108 14.64 -19.38 -25.01
N ILE B 109 15.35 -18.99 -26.04
CA ILE B 109 15.68 -17.61 -26.32
C ILE B 109 15.92 -17.52 -27.83
N ASP B 110 15.79 -16.33 -28.38
CA ASP B 110 15.97 -16.14 -29.81
C ASP B 110 16.93 -15.00 -30.08
N PRO B 111 17.31 -14.81 -31.35
CA PRO B 111 18.24 -13.76 -31.74
C PRO B 111 18.11 -12.41 -31.07
N TYR B 112 16.90 -12.05 -30.63
CA TYR B 112 16.67 -10.73 -29.98
C TYR B 112 16.43 -10.80 -28.49
N GLY B 113 16.82 -11.90 -27.88
CA GLY B 113 16.70 -12.03 -26.44
C GLY B 113 15.33 -12.23 -25.86
N ASN B 114 14.31 -12.47 -26.69
CA ASN B 114 12.96 -12.70 -26.15
C ASN B 114 13.13 -14.05 -25.49
N VAL B 115 12.60 -14.20 -24.29
CA VAL B 115 12.76 -15.43 -23.53
C VAL B 115 11.41 -16.09 -23.22
N ASN B 116 11.43 -17.42 -23.10
CA ASN B 116 10.27 -18.24 -22.75
C ASN B 116 10.56 -19.08 -21.48
N SER B 117 9.69 -18.99 -20.49
CA SER B 117 9.84 -19.72 -19.24
C SER B 117 8.45 -20.10 -18.76
N THR B 118 7.52 -20.19 -19.71
CA THR B 118 6.16 -20.52 -19.40
C THR B 118 5.90 -21.98 -19.84
N SER B 119 6.18 -22.27 -21.10
CA SER B 119 5.94 -23.61 -21.58
C SER B 119 6.61 -23.91 -22.90
N ILE B 120 6.83 -25.21 -23.12
CA ILE B 120 7.42 -25.72 -24.33
C ILE B 120 6.30 -26.45 -25.05
N GLY B 121 6.06 -26.02 -26.28
CA GLY B 121 5.02 -26.59 -27.12
C GLY B 121 3.92 -25.55 -27.32
N ASP B 122 2.70 -26.04 -27.50
CA ASP B 122 1.53 -25.18 -27.65
C ASP B 122 1.18 -24.77 -26.23
N TYR B 123 0.96 -23.49 -26.05
CA TYR B 123 0.65 -22.95 -24.74
C TYR B 123 -0.64 -23.52 -24.18
N HIS B 124 -1.50 -24.01 -25.07
CA HIS B 124 -2.77 -24.54 -24.66
C HIS B 124 -2.66 -26.00 -24.31
N HIS B 125 -1.75 -26.68 -25.00
CA HIS B 125 -1.51 -28.11 -24.77
C HIS B 125 -0.02 -28.26 -24.98
N PRO B 126 0.75 -27.85 -23.97
CA PRO B 126 2.21 -27.88 -23.94
C PRO B 126 2.89 -29.19 -23.68
N LYS B 127 4.01 -29.40 -24.36
CA LYS B 127 4.85 -30.57 -24.19
C LYS B 127 5.38 -30.50 -22.76
N THR B 128 5.92 -29.35 -22.37
CA THR B 128 6.44 -29.18 -21.01
C THR B 128 5.95 -27.86 -20.40
N ARG B 129 5.40 -27.94 -19.18
CA ARG B 129 4.86 -26.79 -18.44
C ARG B 129 5.75 -26.32 -17.28
N PHE B 130 6.18 -25.06 -17.32
CA PHE B 130 7.05 -24.48 -16.29
C PHE B 130 6.18 -23.77 -15.27
N THR B 131 6.76 -22.93 -14.40
CA THR B 131 5.92 -22.22 -13.41
C THR B 131 5.13 -21.09 -14.05
N GLY B 132 5.72 -20.46 -15.06
CA GLY B 132 5.07 -19.35 -15.69
C GLY B 132 5.96 -18.14 -15.56
N SER B 133 5.35 -16.96 -15.61
CA SER B 133 6.06 -15.71 -15.59
C SER B 133 6.71 -15.23 -14.30
N GLY B 134 6.01 -15.30 -13.17
CA GLY B 134 6.60 -14.77 -11.96
C GLY B 134 6.79 -13.28 -12.21
N GLY B 135 7.88 -12.70 -11.72
CA GLY B 135 8.13 -11.29 -11.95
C GLY B 135 9.00 -11.06 -13.18
N ALA B 136 9.26 -12.11 -13.94
CA ALA B 136 10.13 -11.98 -15.10
C ALA B 136 9.63 -10.97 -16.10
N ASN B 137 8.32 -10.96 -16.30
CA ASN B 137 7.72 -10.04 -17.27
C ASN B 137 7.86 -8.55 -16.89
N GLY B 138 7.70 -8.21 -15.61
CA GLY B 138 7.86 -6.83 -15.18
C GLY B 138 9.30 -6.40 -15.41
N ILE B 139 10.22 -7.23 -14.91
CA ILE B 139 11.64 -7.03 -15.08
C ILE B 139 12.02 -6.76 -16.53
N ALA B 140 11.59 -7.62 -17.47
CA ALA B 140 11.94 -7.42 -18.90
C ALA B 140 11.18 -6.30 -19.60
N THR B 141 10.12 -5.81 -18.98
CA THR B 141 9.33 -4.71 -19.56
C THR B 141 9.96 -3.37 -19.16
N TYR B 142 10.37 -3.26 -17.89
CA TYR B 142 10.99 -2.03 -17.36
C TYR B 142 12.49 -2.00 -16.97
N SER B 143 13.21 -3.11 -17.10
CA SER B 143 14.61 -3.15 -16.73
C SER B 143 15.58 -3.66 -17.77
N ASN B 144 16.84 -3.21 -17.64
CA ASN B 144 17.94 -3.66 -18.50
C ASN B 144 18.27 -5.02 -17.88
N THR B 145 18.31 -6.04 -18.71
CA THR B 145 18.53 -7.38 -18.21
C THR B 145 19.78 -8.10 -18.64
N ILE B 146 20.04 -9.17 -17.89
CA ILE B 146 21.13 -10.11 -18.09
C ILE B 146 20.37 -11.44 -18.03
N ILE B 147 20.42 -12.21 -19.12
CA ILE B 147 19.68 -13.47 -19.21
C ILE B 147 20.52 -14.73 -18.96
N MET B 148 20.14 -15.51 -17.97
CA MET B 148 20.80 -16.76 -17.62
C MET B 148 20.25 -17.88 -18.48
N MET B 149 21.06 -18.48 -19.35
CA MET B 149 20.61 -19.56 -20.24
C MET B 149 21.55 -20.74 -20.47
N GLN B 150 20.98 -21.93 -20.68
CA GLN B 150 21.77 -23.16 -20.98
C GLN B 150 22.14 -23.06 -22.45
N HIS B 151 23.37 -23.39 -22.82
CA HIS B 151 23.74 -23.23 -24.24
C HIS B 151 23.46 -24.41 -25.17
N GLU B 152 22.21 -24.86 -25.19
CA GLU B 152 21.79 -25.98 -26.02
C GLU B 152 21.20 -25.47 -27.33
N LYS B 153 21.45 -26.18 -28.41
CA LYS B 153 20.94 -25.77 -29.70
C LYS B 153 19.42 -25.67 -29.69
N ARG B 154 18.77 -26.52 -28.89
CA ARG B 154 17.31 -26.55 -28.79
C ARG B 154 16.73 -25.41 -27.94
N ARG B 155 17.62 -24.58 -27.37
CA ARG B 155 17.19 -23.46 -26.54
C ARG B 155 17.39 -22.15 -27.29
N PHE B 156 18.31 -22.17 -28.24
CA PHE B 156 18.61 -21.01 -29.05
C PHE B 156 17.88 -21.16 -30.36
N MET B 157 16.59 -20.86 -30.32
CA MET B 157 15.71 -20.99 -31.46
C MET B 157 15.55 -19.71 -32.23
N ASN B 158 15.33 -19.82 -33.53
CA ASN B 158 15.08 -18.65 -34.38
C ASN B 158 13.76 -17.99 -33.96
N LYS B 159 12.86 -18.78 -33.36
CA LYS B 159 11.55 -18.32 -32.90
C LYS B 159 11.10 -19.18 -31.72
N ILE B 160 10.80 -18.55 -30.59
CA ILE B 160 10.40 -19.32 -29.42
C ILE B 160 8.92 -19.68 -29.39
N ASP B 161 8.54 -20.52 -28.44
CA ASP B 161 7.18 -21.01 -28.27
C ASP B 161 6.25 -20.09 -27.54
N TYR B 162 6.80 -19.09 -26.86
CA TYR B 162 5.99 -18.16 -26.10
C TYR B 162 6.96 -17.14 -25.53
N VAL B 163 6.60 -15.87 -25.63
CA VAL B 163 7.41 -14.77 -25.15
C VAL B 163 6.93 -14.31 -23.79
N THR B 164 7.34 -14.96 -22.71
CA THR B 164 6.92 -14.51 -21.38
C THR B 164 7.66 -13.25 -20.91
N SER B 165 8.88 -13.08 -21.42
CA SER B 165 9.75 -11.93 -21.14
C SER B 165 10.25 -11.37 -22.49
N PRO B 166 9.75 -10.19 -22.88
CA PRO B 166 10.06 -9.45 -24.13
C PRO B 166 11.47 -8.81 -24.23
N GLY B 167 12.20 -9.20 -25.26
CA GLY B 167 13.53 -8.67 -25.46
C GLY B 167 13.50 -7.47 -26.38
N TRP B 168 14.24 -7.55 -27.46
CA TRP B 168 14.27 -6.49 -28.45
C TRP B 168 13.24 -6.79 -29.54
N ILE B 169 12.34 -7.71 -29.19
CA ILE B 169 11.25 -8.16 -30.04
C ILE B 169 11.70 -8.66 -31.40
N ASP B 170 11.86 -7.73 -32.35
CA ASP B 170 12.24 -8.09 -33.71
C ASP B 170 13.38 -7.28 -34.29
N GLY B 171 14.04 -6.49 -33.47
CA GLY B 171 15.13 -5.70 -34.00
C GLY B 171 14.88 -4.27 -33.58
N PRO B 172 15.41 -3.29 -34.34
CA PRO B 172 15.27 -1.85 -34.08
C PRO B 172 13.81 -1.39 -34.21
N GLY B 173 13.34 -0.62 -33.22
CA GLY B 173 11.98 -0.11 -33.23
C GLY B 173 10.89 -1.07 -32.77
N GLY B 174 11.19 -2.36 -32.72
CA GLY B 174 10.20 -3.34 -32.29
C GLY B 174 9.48 -3.11 -30.96
N ARG B 175 10.23 -2.88 -29.89
CA ARG B 175 9.63 -2.70 -28.56
C ARG B 175 8.61 -1.57 -28.38
N GLU B 176 8.97 -0.37 -28.83
CA GLU B 176 8.13 0.82 -28.71
C GLU B 176 6.78 0.68 -29.41
N ARG B 177 6.78 0.08 -30.60
CA ARG B 177 5.55 -0.13 -31.33
C ARG B 177 4.59 -1.07 -30.59
N LEU B 178 5.14 -2.04 -29.85
CA LEU B 178 4.30 -2.94 -29.07
C LEU B 178 3.93 -2.21 -27.78
N GLY B 179 4.35 -0.95 -27.66
CA GLY B 179 4.04 -0.18 -26.47
C GLY B 179 4.90 -0.52 -25.25
N LEU B 180 6.11 -1.04 -25.50
CA LEU B 180 7.07 -1.37 -24.44
C LEU B 180 8.12 -0.24 -24.32
N PRO B 181 8.59 0.08 -23.10
CA PRO B 181 9.59 1.13 -22.89
C PRO B 181 10.74 0.86 -23.82
N GLY B 182 11.06 1.81 -24.69
CA GLY B 182 12.12 1.59 -25.65
C GLY B 182 13.58 1.62 -25.21
N ASP B 183 13.91 2.34 -24.14
CA ASP B 183 15.32 2.37 -23.79
C ASP B 183 15.75 1.50 -22.62
N VAL B 184 15.21 0.28 -22.61
CA VAL B 184 15.50 -0.70 -21.58
C VAL B 184 15.34 -2.03 -22.28
N GLY B 185 16.36 -2.87 -22.26
CA GLY B 185 16.28 -4.17 -22.92
C GLY B 185 17.36 -5.16 -22.51
N PRO B 186 17.47 -6.29 -23.22
CA PRO B 186 18.49 -7.31 -22.92
C PRO B 186 19.89 -6.76 -23.18
N GLN B 187 20.70 -6.75 -22.12
CA GLN B 187 22.05 -6.23 -22.21
C GLN B 187 23.07 -7.29 -22.52
N LEU B 188 22.94 -8.42 -21.83
CA LEU B 188 23.89 -9.51 -21.98
C LEU B 188 23.26 -10.88 -21.70
N VAL B 189 23.70 -11.90 -22.44
CA VAL B 189 23.24 -13.28 -22.22
C VAL B 189 24.40 -14.09 -21.65
N VAL B 190 24.21 -14.70 -20.50
CA VAL B 190 25.29 -15.47 -19.92
C VAL B 190 24.90 -16.94 -19.86
N THR B 191 25.58 -17.76 -20.66
CA THR B 191 25.32 -19.18 -20.67
C THR B 191 26.53 -19.90 -20.06
N ASP B 192 26.54 -21.22 -20.15
CA ASP B 192 27.64 -22.02 -19.61
C ASP B 192 28.88 -22.07 -20.53
N LYS B 193 28.82 -21.44 -21.69
CA LYS B 193 29.95 -21.44 -22.61
C LYS B 193 30.45 -20.02 -22.86
N GLY B 194 29.97 -19.03 -22.12
CA GLY B 194 30.44 -17.69 -22.40
C GLY B 194 29.36 -16.64 -22.30
N ILE B 195 29.62 -15.44 -22.82
CA ILE B 195 28.68 -14.33 -22.78
C ILE B 195 28.34 -13.83 -24.18
N LEU B 196 27.06 -13.60 -24.44
CA LEU B 196 26.66 -13.09 -25.75
C LEU B 196 26.05 -11.68 -25.61
N LYS B 197 26.24 -10.87 -26.63
CA LYS B 197 25.72 -9.52 -26.59
C LYS B 197 24.83 -9.25 -27.79
N PHE B 198 24.14 -8.12 -27.74
CA PHE B 198 23.22 -7.72 -28.79
C PHE B 198 23.74 -6.47 -29.48
N ASP B 199 23.84 -6.49 -30.80
CA ASP B 199 24.31 -5.32 -31.51
C ASP B 199 23.56 -4.05 -31.10
N GLU B 200 24.31 -2.97 -30.97
CA GLU B 200 23.75 -1.68 -30.58
C GLU B 200 22.79 -1.13 -31.64
N LYS B 201 23.11 -1.37 -32.91
CA LYS B 201 22.26 -0.86 -33.99
C LYS B 201 21.29 -1.84 -34.67
N THR B 202 21.51 -3.14 -34.52
CA THR B 202 20.63 -4.15 -35.13
C THR B 202 19.94 -5.00 -34.08
N LYS B 203 20.37 -4.89 -32.83
CA LYS B 203 19.80 -5.64 -31.73
C LYS B 203 19.95 -7.15 -31.84
N ARG B 204 20.65 -7.63 -32.86
CA ARG B 204 20.84 -9.06 -33.00
C ARG B 204 22.04 -9.60 -32.20
N MET B 205 21.82 -10.77 -31.61
CA MET B 205 22.81 -11.47 -30.79
C MET B 205 24.12 -11.86 -31.53
N TYR B 206 25.24 -11.71 -30.81
CA TYR B 206 26.57 -12.04 -31.33
C TYR B 206 27.40 -12.56 -30.15
N LEU B 207 28.38 -13.41 -30.43
CA LEU B 207 29.19 -13.96 -29.35
C LEU B 207 30.19 -12.90 -28.90
N ALA B 208 30.22 -12.61 -27.59
CA ALA B 208 31.12 -11.59 -27.06
C ALA B 208 32.40 -12.18 -26.49
N ALA B 209 32.25 -13.26 -25.73
CA ALA B 209 33.39 -13.91 -25.13
C ALA B 209 33.05 -15.36 -24.80
N TYR B 210 34.05 -16.23 -24.88
CA TYR B 210 33.84 -17.63 -24.56
C TYR B 210 34.77 -18.01 -23.41
N TYR B 211 34.35 -18.98 -22.61
CA TYR B 211 35.14 -19.43 -21.49
C TYR B 211 36.37 -20.23 -21.97
N PRO B 212 37.36 -20.43 -21.09
CA PRO B 212 38.60 -21.17 -21.40
C PRO B 212 38.24 -22.58 -21.87
N THR B 213 37.26 -23.17 -21.17
CA THR B 213 36.75 -24.49 -21.46
C THR B 213 35.86 -24.56 -22.69
N SER B 214 35.74 -23.47 -23.43
CA SER B 214 34.92 -23.49 -24.64
C SER B 214 35.64 -22.73 -25.73
N SER B 215 35.01 -22.63 -26.89
CA SER B 215 35.59 -21.97 -28.05
C SER B 215 34.45 -21.45 -28.91
N PRO B 216 34.74 -20.58 -29.89
CA PRO B 216 33.64 -20.07 -30.73
C PRO B 216 32.88 -21.19 -31.45
N GLU B 217 33.57 -22.23 -31.91
CA GLU B 217 32.90 -23.30 -32.61
C GLU B 217 32.02 -24.10 -31.68
N ASP B 218 32.45 -24.28 -30.45
CA ASP B 218 31.64 -25.00 -29.49
C ASP B 218 30.34 -24.23 -29.39
N VAL B 219 30.48 -22.90 -29.28
CA VAL B 219 29.35 -22.00 -29.18
C VAL B 219 28.45 -22.13 -30.41
N LEU B 220 29.01 -21.97 -31.61
CA LEU B 220 28.23 -22.10 -32.84
C LEU B 220 27.47 -23.42 -32.92
N GLU B 221 28.17 -24.51 -32.65
CA GLU B 221 27.57 -25.84 -32.68
C GLU B 221 26.38 -26.06 -31.74
N ASN B 222 26.27 -25.26 -30.69
CA ASN B 222 25.17 -25.42 -29.76
C ASN B 222 24.22 -24.24 -29.75
N THR B 223 24.06 -23.62 -30.92
CA THR B 223 23.17 -22.49 -31.09
C THR B 223 22.30 -22.74 -32.33
N GLY B 224 20.99 -22.72 -32.12
CA GLY B 224 20.03 -22.97 -33.18
C GLY B 224 19.99 -21.97 -34.33
N PHE B 225 20.60 -20.81 -34.15
CA PHE B 225 20.64 -19.79 -35.20
C PHE B 225 22.08 -19.32 -35.39
N ASP B 226 22.35 -18.67 -36.51
CA ASP B 226 23.69 -18.17 -36.83
C ASP B 226 24.13 -17.08 -35.86
N LEU B 227 25.44 -16.99 -35.62
CA LEU B 227 26.02 -16.01 -34.72
C LEU B 227 27.28 -15.41 -35.35
N ASP B 228 27.68 -14.25 -34.86
CA ASP B 228 28.90 -13.62 -35.32
C ASP B 228 29.85 -13.90 -34.16
N VAL B 229 30.54 -15.03 -34.26
CA VAL B 229 31.48 -15.44 -33.23
C VAL B 229 32.84 -14.76 -33.49
N SER B 230 33.02 -14.28 -34.71
CA SER B 230 34.23 -13.59 -35.10
C SER B 230 34.28 -12.18 -34.54
N LYS B 231 34.57 -12.10 -33.24
CA LYS B 231 34.66 -10.83 -32.52
C LYS B 231 34.79 -11.20 -31.06
N ALA B 232 34.63 -12.48 -30.77
CA ALA B 232 34.70 -13.01 -29.42
C ALA B 232 36.13 -13.11 -28.93
N VAL B 233 36.33 -12.92 -27.63
CA VAL B 233 37.64 -13.01 -27.01
C VAL B 233 37.48 -14.01 -25.88
N GLU B 234 38.55 -14.66 -25.49
CA GLU B 234 38.48 -15.64 -24.42
C GLU B 234 38.56 -14.98 -23.06
N LEU B 235 37.63 -15.30 -22.18
CA LEU B 235 37.68 -14.74 -20.84
C LEU B 235 38.80 -15.45 -20.10
N GLU B 236 39.17 -14.91 -18.94
CA GLU B 236 40.24 -15.51 -18.15
C GLU B 236 39.66 -16.32 -17.00
N ALA B 237 40.36 -17.38 -16.62
CA ALA B 237 39.93 -18.24 -15.52
C ALA B 237 39.68 -17.40 -14.26
N PRO B 238 38.80 -17.86 -13.35
CA PRO B 238 38.51 -17.11 -12.12
C PRO B 238 39.70 -16.96 -11.16
N ASP B 239 39.92 -15.74 -10.67
CA ASP B 239 41.00 -15.48 -9.73
C ASP B 239 40.76 -16.39 -8.53
N PRO B 240 41.71 -17.30 -8.25
CA PRO B 240 41.66 -18.27 -7.15
C PRO B 240 41.29 -17.71 -5.78
N ALA B 241 41.61 -16.45 -5.55
CA ALA B 241 41.26 -15.84 -4.26
C ALA B 241 39.72 -15.78 -4.13
N VAL B 242 39.05 -15.63 -5.29
CA VAL B 242 37.59 -15.56 -5.40
C VAL B 242 36.97 -16.94 -5.20
N ILE B 243 37.50 -17.96 -5.90
CA ILE B 243 36.98 -19.32 -5.76
C ILE B 243 37.04 -19.74 -4.29
N LYS B 244 38.07 -19.31 -3.58
CA LYS B 244 38.15 -19.62 -2.17
C LYS B 244 36.95 -18.99 -1.48
N LEU B 245 36.68 -17.73 -1.81
CA LEU B 245 35.57 -16.96 -1.24
C LEU B 245 34.20 -17.63 -1.43
N ILE B 246 33.92 -18.00 -2.67
CA ILE B 246 32.68 -18.69 -3.04
C ILE B 246 32.49 -19.97 -2.24
N ARG B 247 33.54 -20.76 -2.12
CA ARG B 247 33.48 -22.01 -1.39
C ARG B 247 33.44 -21.88 0.13
N GLU B 248 34.27 -21.01 0.70
CA GLU B 248 34.29 -20.85 2.14
C GLU B 248 33.30 -19.86 2.73
N GLU B 249 33.26 -18.64 2.20
CA GLU B 249 32.36 -17.63 2.74
C GLU B 249 30.95 -17.63 2.17
N ILE B 250 30.84 -17.62 0.85
CA ILE B 250 29.55 -17.57 0.16
C ILE B 250 28.61 -18.80 0.26
N ASP B 251 29.06 -19.96 -0.25
CA ASP B 251 28.22 -21.15 -0.27
C ASP B 251 28.93 -22.44 0.20
N PRO B 252 29.27 -22.51 1.51
CA PRO B 252 29.94 -23.66 2.13
C PRO B 252 29.09 -24.92 2.05
N GLY B 253 27.77 -24.74 2.11
CA GLY B 253 26.84 -25.86 2.04
C GLY B 253 26.56 -26.35 0.64
N GLN B 254 27.21 -25.75 -0.35
CA GLN B 254 27.04 -26.14 -1.74
C GLN B 254 25.58 -26.27 -2.20
N ALA B 255 24.78 -25.25 -1.90
CA ALA B 255 23.37 -25.23 -2.30
C ALA B 255 23.23 -24.92 -3.79
N PHE B 256 24.14 -24.11 -4.31
CA PHE B 256 24.13 -23.75 -5.72
C PHE B 256 25.50 -24.01 -6.35
N ILE B 257 26.54 -24.14 -5.53
CA ILE B 257 27.88 -24.42 -6.04
C ILE B 257 28.46 -25.69 -5.42
N GLN B 258 28.48 -26.77 -6.21
CA GLN B 258 29.01 -28.02 -5.72
C GLN B 258 30.46 -28.18 -6.19
N VAL B 259 31.33 -28.57 -5.26
CA VAL B 259 32.75 -28.76 -5.54
C VAL B 259 33.00 -30.11 -6.19
N PRO B 260 34.19 -30.29 -6.80
CA PRO B 260 34.55 -31.55 -7.46
C PRO B 260 35.05 -32.60 -6.45
N SER C 1 28.32 8.61 2.39
CA SER C 1 27.04 8.78 3.11
C SER C 1 26.26 9.91 2.44
N LYS C 2 25.00 10.07 2.85
CA LYS C 2 24.14 11.10 2.30
C LYS C 2 23.79 12.12 3.38
N VAL C 3 24.55 12.15 4.46
CA VAL C 3 24.27 13.08 5.55
C VAL C 3 24.70 14.46 5.16
N MET C 4 23.79 15.44 5.19
CA MET C 4 24.16 16.81 4.85
C MET C 4 23.39 17.84 5.62
N THR C 5 23.87 19.07 5.59
CA THR C 5 23.25 20.18 6.28
C THR C 5 21.94 20.51 5.58
N LEU C 6 21.04 21.17 6.28
CA LEU C 6 19.76 21.55 5.68
C LEU C 6 20.00 22.50 4.49
N LYS C 7 20.78 23.56 4.71
CA LYS C 7 21.06 24.52 3.66
C LYS C 7 21.51 23.85 2.41
N ASP C 8 22.38 22.86 2.54
CA ASP C 8 22.87 22.18 1.36
C ASP C 8 21.85 21.25 0.72
N ALA C 9 21.10 20.53 1.55
CA ALA C 9 20.09 19.61 1.08
C ALA C 9 19.15 20.36 0.15
N ILE C 10 18.49 21.37 0.72
CA ILE C 10 17.54 22.23 0.02
C ILE C 10 18.12 22.85 -1.26
N ALA C 11 19.23 23.55 -1.14
CA ALA C 11 19.86 24.19 -2.28
C ALA C 11 20.17 23.25 -3.43
N LYS C 12 20.52 22.02 -3.10
CA LYS C 12 20.87 21.05 -4.13
C LYS C 12 19.70 20.36 -4.79
N TYR C 13 18.76 19.93 -3.98
CA TYR C 13 17.61 19.20 -4.49
C TYR C 13 16.36 19.99 -4.78
N VAL C 14 16.08 21.02 -3.98
CA VAL C 14 14.90 21.83 -4.18
C VAL C 14 15.13 23.05 -5.06
N HIS C 15 14.34 23.19 -6.14
CA HIS C 15 14.48 24.32 -7.05
C HIS C 15 13.16 25.05 -7.28
N SER C 16 13.24 26.26 -7.80
CA SER C 16 12.05 27.05 -8.07
C SER C 16 11.30 26.45 -9.25
N GLY C 17 9.98 26.49 -9.20
CA GLY C 17 9.18 25.93 -10.29
C GLY C 17 9.17 24.41 -10.22
N ASP C 18 9.34 23.88 -9.02
CA ASP C 18 9.38 22.45 -8.80
C ASP C 18 8.12 21.89 -8.21
N HIS C 19 7.72 20.73 -8.70
CA HIS C 19 6.55 20.10 -8.14
C HIS C 19 6.98 19.41 -6.85
N ILE C 20 6.65 19.96 -5.70
CA ILE C 20 7.09 19.34 -4.47
C ILE C 20 5.96 18.60 -3.75
N ALA C 21 6.36 17.81 -2.74
CA ALA C 21 5.47 17.02 -1.87
C ALA C 21 6.06 17.07 -0.44
N LEU C 22 5.25 17.43 0.54
CA LEU C 22 5.72 17.55 1.93
C LEU C 22 4.99 16.53 2.74
N GLY C 23 5.71 15.75 3.52
CA GLY C 23 5.09 14.70 4.29
C GLY C 23 4.32 15.23 5.46
N GLY C 24 3.72 14.35 6.25
CA GLY C 24 2.95 14.79 7.39
C GLY C 24 1.46 14.93 7.11
N PHE C 25 0.68 15.14 8.18
CA PHE C 25 -0.76 15.27 8.08
C PHE C 25 -1.13 16.34 9.09
N THR C 26 -1.63 17.48 8.60
CA THR C 26 -2.00 18.65 9.40
C THR C 26 -1.01 18.95 10.55
N THR C 27 -1.37 18.67 11.79
CA THR C 27 -0.46 18.94 12.89
C THR C 27 0.28 17.67 13.40
N ASP C 28 0.72 16.82 12.47
CA ASP C 28 1.45 15.61 12.85
C ASP C 28 2.56 15.34 11.90
N ARG C 29 3.77 15.43 12.45
CA ARG C 29 5.01 15.15 11.77
C ARG C 29 5.15 15.84 10.46
N LYS C 30 4.99 17.15 10.51
CA LYS C 30 5.12 17.99 9.33
C LYS C 30 6.60 18.42 9.34
N PRO C 31 7.24 18.51 8.15
CA PRO C 31 8.64 18.91 8.04
C PRO C 31 8.85 20.43 8.06
N TYR C 32 8.50 21.05 9.17
CA TYR C 32 8.64 22.48 9.33
C TYR C 32 10.05 23.02 9.10
N ALA C 33 11.03 22.46 9.79
CA ALA C 33 12.43 22.90 9.64
C ALA C 33 12.84 23.04 8.18
N ALA C 34 12.37 22.12 7.32
CA ALA C 34 12.75 22.19 5.92
C ALA C 34 12.02 23.32 5.22
N VAL C 35 10.78 23.58 5.65
CA VAL C 35 9.98 24.66 5.06
C VAL C 35 10.69 25.99 5.31
N PHE C 36 11.09 26.24 6.56
CA PHE C 36 11.81 27.48 6.88
C PHE C 36 13.03 27.67 5.97
N GLU C 37 13.83 26.64 5.80
CA GLU C 37 14.99 26.76 4.91
C GLU C 37 14.60 27.09 3.47
N ILE C 38 13.54 26.45 2.94
CA ILE C 38 13.11 26.71 1.56
C ILE C 38 12.77 28.21 1.42
N LEU C 39 12.11 28.74 2.45
CA LEU C 39 11.72 30.13 2.53
C LEU C 39 12.96 31.04 2.54
N ARG C 40 13.82 30.91 3.54
CA ARG C 40 15.02 31.75 3.59
C ARG C 40 15.70 31.69 2.26
N GLN C 41 15.74 30.52 1.64
CA GLN C 41 16.42 30.41 0.36
C GLN C 41 15.73 31.09 -0.82
N GLY C 42 14.54 31.63 -0.57
CA GLY C 42 13.78 32.31 -1.59
C GLY C 42 13.30 31.43 -2.73
N ILE C 43 13.07 30.15 -2.45
CA ILE C 43 12.60 29.21 -3.47
C ILE C 43 11.15 29.55 -3.77
N THR C 44 10.85 29.73 -5.05
CA THR C 44 9.51 30.14 -5.46
C THR C 44 8.89 29.34 -6.62
N ASP C 45 7.64 29.66 -6.96
CA ASP C 45 6.91 29.00 -8.05
C ASP C 45 6.73 27.52 -7.81
N LEU C 46 6.51 27.17 -6.56
CA LEU C 46 6.32 25.79 -6.17
C LEU C 46 4.88 25.33 -6.43
N THR C 47 4.73 24.20 -7.11
CA THR C 47 3.41 23.66 -7.38
C THR C 47 3.41 22.29 -6.71
N GLY C 48 2.36 21.96 -5.97
CA GLY C 48 2.33 20.66 -5.31
C GLY C 48 1.00 20.29 -4.72
N LEU C 49 0.73 18.99 -4.58
CA LEU C 49 -0.53 18.57 -3.97
C LEU C 49 -0.39 18.83 -2.48
N GLY C 50 -1.32 19.59 -1.95
CA GLY C 50 -1.22 19.90 -0.54
C GLY C 50 -1.31 18.72 0.39
N GLY C 51 -2.21 17.80 0.07
CA GLY C 51 -2.45 16.64 0.94
C GLY C 51 -3.22 17.24 2.09
N ALA C 52 -3.30 16.57 3.22
CA ALA C 52 -4.01 17.12 4.38
C ALA C 52 -3.05 18.12 5.04
N ALA C 53 -2.96 19.34 4.48
CA ALA C 53 -2.04 20.39 4.93
C ALA C 53 -2.38 21.24 6.16
N GLY C 54 -1.44 22.12 6.52
CA GLY C 54 -1.60 23.00 7.66
C GLY C 54 -0.56 24.08 7.58
N GLY C 55 -0.14 24.62 8.73
CA GLY C 55 0.87 25.66 8.76
C GLY C 55 1.98 25.63 7.70
N ASP C 56 2.51 24.45 7.36
CA ASP C 56 3.59 24.35 6.36
C ASP C 56 3.26 24.89 4.99
N TRP C 57 2.10 24.52 4.45
CA TRP C 57 1.66 24.98 3.15
C TRP C 57 1.10 26.40 3.28
N ASP C 58 0.48 26.69 4.42
CA ASP C 58 -0.03 28.03 4.64
C ASP C 58 1.13 29.01 4.48
N MET C 59 2.22 28.78 5.23
CA MET C 59 3.40 29.64 5.18
C MET C 59 4.05 29.79 3.82
N LEU C 60 4.07 28.73 3.02
CA LEU C 60 4.66 28.86 1.68
C LEU C 60 3.79 29.81 0.85
N ILE C 61 2.48 29.58 0.91
CA ILE C 61 1.48 30.38 0.19
C ILE C 61 1.51 31.84 0.61
N GLY C 62 1.42 32.07 1.92
CA GLY C 62 1.44 33.40 2.47
C GLY C 62 2.69 34.16 2.09
N ASN C 63 3.76 33.43 1.90
CA ASN C 63 5.02 34.03 1.51
C ASN C 63 5.08 34.10 0.01
N GLY C 64 3.98 33.72 -0.63
CA GLY C 64 3.88 33.76 -2.08
C GLY C 64 4.86 32.93 -2.86
N ARG C 65 5.08 31.68 -2.43
CA ARG C 65 6.03 30.78 -3.11
C ARG C 65 5.37 29.75 -4.05
N VAL C 66 4.08 29.48 -3.83
CA VAL C 66 3.29 28.51 -4.59
C VAL C 66 2.70 28.99 -5.91
N LYS C 67 3.16 28.46 -7.04
CA LYS C 67 2.63 28.85 -8.35
C LYS C 67 1.26 28.19 -8.63
N ALA C 68 1.10 26.93 -8.23
CA ALA C 68 -0.15 26.18 -8.42
C ALA C 68 -0.33 25.29 -7.22
N TYR C 69 -1.49 25.30 -6.62
CA TYR C 69 -1.74 24.48 -5.45
C TYR C 69 -2.85 23.52 -5.80
N ILE C 70 -2.77 22.28 -5.31
CA ILE C 70 -3.81 21.25 -5.53
C ILE C 70 -4.34 20.91 -4.14
N ASN C 71 -5.42 21.59 -3.74
CA ASN C 71 -6.00 21.43 -2.42
C ASN C 71 -6.97 20.26 -2.27
N CYS C 72 -7.25 19.94 -1.02
CA CYS C 72 -8.15 18.87 -0.63
C CYS C 72 -8.53 19.16 0.82
N TYR C 73 -7.68 19.92 1.50
CA TYR C 73 -7.86 20.33 2.90
C TYR C 73 -6.61 21.06 3.37
N THR C 74 -6.81 22.17 4.09
CA THR C 74 -5.70 22.95 4.62
C THR C 74 -6.05 23.59 5.96
N ALA C 75 -5.46 23.09 7.05
CA ALA C 75 -5.70 23.64 8.38
C ALA C 75 -4.83 23.02 9.51
N ASN C 76 -4.78 23.72 10.62
CA ASN C 76 -4.04 23.25 11.77
C ASN C 76 -5.19 22.81 12.66
N SER C 77 -5.79 21.70 12.25
CA SER C 77 -6.96 21.11 12.92
C SER C 77 -6.92 21.21 14.42
N GLY C 78 -7.87 21.92 14.98
CA GLY C 78 -7.92 22.07 16.43
C GLY C 78 -7.63 23.50 16.82
N VAL C 79 -6.84 24.18 16.01
CA VAL C 79 -6.47 25.57 16.27
C VAL C 79 -7.16 26.50 15.26
N THR C 80 -6.64 26.48 14.03
CA THR C 80 -7.15 27.28 12.94
C THR C 80 -7.85 26.29 12.02
N ASN C 81 -9.18 26.35 11.97
CA ASN C 81 -9.98 25.45 11.16
C ASN C 81 -9.80 25.64 9.67
N VAL C 82 -9.29 26.80 9.28
CA VAL C 82 -9.02 27.04 7.86
C VAL C 82 -7.75 27.86 7.85
N SER C 83 -6.76 27.39 7.12
CA SER C 83 -5.52 28.11 7.04
C SER C 83 -5.78 29.50 6.49
N ARG C 84 -5.83 30.43 7.43
CA ARG C 84 -6.09 31.83 7.16
C ARG C 84 -5.41 32.47 5.96
N ARG C 85 -4.10 32.25 5.80
CA ARG C 85 -3.35 32.80 4.67
C ARG C 85 -3.81 32.12 3.36
N PHE C 86 -4.12 30.83 3.44
CA PHE C 86 -4.56 30.06 2.29
C PHE C 86 -5.89 30.61 1.80
N ARG C 87 -6.84 30.78 2.72
CA ARG C 87 -8.14 31.30 2.35
C ARG C 87 -8.08 32.75 1.85
N LYS C 88 -7.42 33.63 2.60
CA LYS C 88 -7.31 35.02 2.16
C LYS C 88 -6.67 35.10 0.79
N TRP C 89 -5.53 34.46 0.62
CA TRP C 89 -4.81 34.50 -0.65
C TRP C 89 -5.62 33.96 -1.83
N PHE C 90 -6.56 33.06 -1.56
CA PHE C 90 -7.39 32.47 -2.60
C PHE C 90 -8.57 33.37 -2.92
N GLU C 91 -9.24 33.84 -1.87
CA GLU C 91 -10.40 34.73 -2.01
C GLU C 91 -9.97 36.00 -2.74
N ALA C 92 -8.79 36.52 -2.42
CA ALA C 92 -8.27 37.72 -3.06
C ALA C 92 -7.85 37.44 -4.51
N GLY C 93 -7.89 36.16 -4.89
CA GLY C 93 -7.56 35.76 -6.23
C GLY C 93 -6.09 35.71 -6.56
N LYS C 94 -5.26 35.51 -5.55
CA LYS C 94 -3.83 35.42 -5.79
C LYS C 94 -3.37 33.98 -5.94
N LEU C 95 -4.04 33.07 -5.24
CA LEU C 95 -3.71 31.63 -5.27
C LEU C 95 -4.45 30.81 -6.33
N THR C 96 -3.70 30.34 -7.33
CA THR C 96 -4.20 29.46 -8.39
C THR C 96 -4.32 28.10 -7.69
N MET C 97 -5.50 27.50 -7.71
CA MET C 97 -5.71 26.27 -6.98
C MET C 97 -6.73 25.30 -7.61
N GLU C 98 -6.66 24.02 -7.21
CA GLU C 98 -7.57 23.01 -7.71
C GLU C 98 -8.13 22.26 -6.51
N ASP C 99 -9.25 21.56 -6.70
CA ASP C 99 -9.85 20.81 -5.61
C ASP C 99 -10.14 19.40 -6.03
N TYR C 100 -9.66 18.44 -5.26
CA TYR C 100 -9.93 17.01 -5.46
C TYR C 100 -10.32 16.63 -4.05
N SER C 101 -10.78 15.41 -3.81
CA SER C 101 -11.09 15.09 -2.43
C SER C 101 -9.77 14.67 -1.79
N GLN C 102 -9.76 14.50 -0.48
CA GLN C 102 -8.56 14.05 0.18
C GLN C 102 -8.29 12.61 -0.27
N ASP C 103 -9.35 11.83 -0.43
CA ASP C 103 -9.27 10.45 -0.88
C ASP C 103 -8.51 10.36 -2.18
N VAL C 104 -8.87 11.22 -3.12
CA VAL C 104 -8.23 11.21 -4.42
C VAL C 104 -6.82 11.81 -4.42
N ILE C 105 -6.45 12.52 -3.36
CA ILE C 105 -5.11 13.11 -3.28
C ILE C 105 -4.19 12.00 -2.86
N TYR C 106 -4.52 11.38 -1.75
CA TYR C 106 -3.73 10.27 -1.24
C TYR C 106 -3.64 9.12 -2.24
N MET C 107 -4.74 8.84 -2.92
CA MET C 107 -4.73 7.79 -3.93
C MET C 107 -3.88 8.20 -5.11
N MET C 108 -3.74 9.50 -5.34
CA MET C 108 -2.95 10.02 -6.46
C MET C 108 -1.45 9.76 -6.28
N TRP C 109 -0.95 10.12 -5.11
CA TRP C 109 0.45 9.93 -4.76
C TRP C 109 0.82 8.45 -4.75
N HIS C 110 -0.05 7.66 -4.11
CA HIS C 110 0.16 6.22 -4.01
C HIS C 110 0.18 5.54 -5.36
N ALA C 111 -0.65 6.03 -6.29
CA ALA C 111 -0.73 5.47 -7.63
C ALA C 111 0.55 5.82 -8.35
N ALA C 112 1.14 6.95 -7.97
CA ALA C 112 2.42 7.42 -8.50
C ALA C 112 3.52 6.46 -8.03
N ALA C 113 3.57 6.21 -6.73
CA ALA C 113 4.53 5.26 -6.17
C ALA C 113 4.42 3.91 -6.88
N LEU C 114 3.19 3.41 -7.00
CA LEU C 114 2.91 2.12 -7.62
C LEU C 114 3.16 2.05 -9.11
N GLY C 115 3.27 3.20 -9.76
CA GLY C 115 3.56 3.24 -11.19
C GLY C 115 2.39 3.05 -12.13
N LEU C 116 1.15 3.35 -11.69
CA LEU C 116 -0.02 3.18 -12.56
C LEU C 116 -0.05 4.27 -13.64
N PRO C 117 -0.45 3.95 -14.89
CA PRO C 117 -0.49 4.96 -15.97
C PRO C 117 -1.48 6.10 -15.70
N PHE C 118 -2.45 5.84 -14.83
CA PHE C 118 -3.42 6.84 -14.41
C PHE C 118 -4.23 6.18 -13.32
N LEU C 119 -5.01 6.95 -12.58
CA LEU C 119 -5.81 6.40 -11.49
C LEU C 119 -7.28 6.38 -11.83
N PRO C 120 -7.93 5.21 -11.84
CA PRO C 120 -9.36 5.13 -12.13
C PRO C 120 -10.09 4.98 -10.80
N VAL C 121 -11.02 5.88 -10.49
CA VAL C 121 -11.76 5.80 -9.25
C VAL C 121 -13.25 6.05 -9.48
N THR C 122 -14.07 5.55 -8.57
CA THR C 122 -15.50 5.80 -8.67
C THR C 122 -15.87 6.65 -7.45
N LEU C 123 -15.18 7.79 -7.37
CA LEU C 123 -15.36 8.79 -6.32
C LEU C 123 -15.34 10.16 -7.02
N MET C 124 -15.96 11.17 -6.40
CA MET C 124 -16.04 12.54 -6.94
C MET C 124 -17.15 12.85 -7.97
N GLN C 125 -17.88 11.84 -8.43
CA GLN C 125 -18.98 12.08 -9.39
C GLN C 125 -20.22 12.64 -8.69
N GLY C 126 -21.01 13.41 -9.43
CA GLY C 126 -22.21 13.98 -8.89
C GLY C 126 -21.93 15.01 -7.81
N SER C 127 -20.83 15.75 -7.98
CA SER C 127 -20.45 16.76 -7.00
C SER C 127 -19.65 17.85 -7.65
N GLY C 128 -19.44 18.92 -6.90
CA GLY C 128 -18.69 20.06 -7.40
C GLY C 128 -17.27 19.70 -7.76
N LEU C 129 -16.76 18.60 -7.18
CA LEU C 129 -15.40 18.14 -7.46
C LEU C 129 -15.20 17.81 -8.94
N THR C 130 -16.26 17.42 -9.63
CA THR C 130 -16.17 17.10 -11.05
C THR C 130 -16.86 18.19 -11.90
N ASP C 131 -17.85 18.86 -11.30
CA ASP C 131 -18.60 19.92 -11.96
C ASP C 131 -17.73 21.13 -12.19
N GLU C 132 -16.96 21.49 -11.19
CA GLU C 132 -16.11 22.65 -11.31
C GLU C 132 -14.63 22.48 -11.06
N TRP C 133 -13.83 22.99 -12.00
CA TRP C 133 -12.38 23.02 -11.98
C TRP C 133 -11.88 24.33 -11.36
N GLY C 134 -11.04 24.24 -10.33
CA GLY C 134 -10.47 25.43 -9.74
C GLY C 134 -9.45 26.04 -10.70
N ILE C 135 -8.87 25.23 -11.59
CA ILE C 135 -7.89 25.70 -12.56
C ILE C 135 -8.44 25.28 -13.91
N SER C 136 -8.70 26.23 -14.79
CA SER C 136 -9.28 25.89 -16.08
C SER C 136 -8.28 25.25 -17.04
N LYS C 137 -8.77 24.61 -18.09
CA LYS C 137 -7.92 23.99 -19.11
C LYS C 137 -7.03 25.03 -19.82
N GLU C 138 -7.53 26.24 -19.94
CA GLU C 138 -6.78 27.30 -20.61
C GLU C 138 -5.62 27.74 -19.71
N VAL C 139 -5.88 27.77 -18.41
CA VAL C 139 -4.86 28.13 -17.42
C VAL C 139 -3.85 26.97 -17.32
N ARG C 140 -4.36 25.74 -17.25
CA ARG C 140 -3.55 24.53 -17.16
C ARG C 140 -2.62 24.37 -18.32
N LYS C 141 -2.96 24.91 -19.48
CA LYS C 141 -2.06 24.80 -20.62
C LYS C 141 -0.81 25.69 -20.47
N THR C 142 -0.74 26.46 -19.39
CA THR C 142 0.43 27.30 -19.16
C THR C 142 1.24 26.78 -17.98
N LEU C 143 0.58 26.01 -17.10
CA LEU C 143 1.24 25.45 -15.93
C LEU C 143 1.93 24.14 -16.31
N ASP C 144 3.26 24.14 -16.33
CA ASP C 144 4.01 22.95 -16.69
C ASP C 144 4.06 21.83 -15.65
N LYS C 145 3.75 22.13 -14.40
CA LYS C 145 3.76 21.09 -13.36
C LYS C 145 2.32 20.66 -13.00
N VAL C 146 1.41 20.84 -13.95
CA VAL C 146 -0.01 20.49 -13.79
C VAL C 146 -0.53 19.86 -15.09
N PRO C 147 -1.38 18.82 -14.98
CA PRO C 147 -1.93 18.17 -16.17
C PRO C 147 -2.92 19.09 -16.86
N ASP C 148 -3.02 18.96 -18.18
CA ASP C 148 -3.96 19.75 -18.95
C ASP C 148 -5.40 19.55 -18.47
N ASP C 149 -5.74 18.34 -18.02
CA ASP C 149 -7.09 18.00 -17.56
C ASP C 149 -7.19 17.65 -16.10
N LYS C 150 -8.15 18.24 -15.42
CA LYS C 150 -8.34 17.95 -14.02
C LYS C 150 -8.66 16.46 -13.85
N PHE C 151 -9.33 15.90 -14.85
CA PHE C 151 -9.73 14.50 -14.86
C PHE C 151 -10.54 14.24 -16.14
N LYS C 152 -10.95 13.00 -16.34
CA LYS C 152 -11.75 12.61 -17.47
C LYS C 152 -12.76 11.55 -17.04
N TYR C 153 -13.77 11.31 -17.85
CA TYR C 153 -14.79 10.31 -17.55
C TYR C 153 -14.48 9.29 -18.58
N ILE C 154 -14.45 8.03 -18.17
CA ILE C 154 -14.20 6.94 -19.12
C ILE C 154 -15.10 5.79 -18.71
N ASP C 155 -15.35 4.89 -19.64
CA ASP C 155 -16.18 3.74 -19.34
C ASP C 155 -15.38 2.68 -18.63
N ASN C 156 -16.04 1.90 -17.78
CA ASN C 156 -15.39 0.79 -17.09
C ASN C 156 -15.33 -0.27 -18.20
N PRO C 157 -14.11 -0.70 -18.60
CA PRO C 157 -14.05 -1.70 -19.67
C PRO C 157 -14.74 -3.01 -19.32
N PHE C 158 -15.07 -3.21 -18.05
CA PHE C 158 -15.67 -4.45 -17.60
C PHE C 158 -17.06 -4.33 -17.03
N LYS C 159 -17.67 -3.17 -17.18
CA LYS C 159 -18.99 -2.96 -16.61
C LYS C 159 -19.60 -1.85 -17.44
N PRO C 160 -20.07 -2.19 -18.65
CA PRO C 160 -20.68 -1.25 -19.60
C PRO C 160 -21.77 -0.42 -18.95
N GLY C 161 -21.90 0.81 -19.42
CA GLY C 161 -22.90 1.71 -18.87
C GLY C 161 -22.28 2.50 -17.74
N GLU C 162 -21.51 1.84 -16.89
CA GLU C 162 -20.85 2.51 -15.77
C GLU C 162 -19.62 3.30 -16.25
N LYS C 163 -19.50 4.54 -15.80
CA LYS C 163 -18.36 5.37 -16.15
C LYS C 163 -17.56 5.67 -14.90
N VAL C 164 -16.25 5.69 -15.06
CA VAL C 164 -15.33 5.94 -13.97
C VAL C 164 -14.58 7.25 -14.17
N VAL C 165 -14.13 7.84 -13.06
CA VAL C 165 -13.38 9.08 -13.12
C VAL C 165 -11.87 8.81 -13.13
N ALA C 166 -11.26 8.96 -14.30
CA ALA C 166 -9.83 8.79 -14.51
C ALA C 166 -9.08 10.09 -14.11
N VAL C 167 -8.30 10.03 -13.02
CA VAL C 167 -7.54 11.18 -12.53
C VAL C 167 -6.08 11.04 -13.03
N PRO C 168 -5.41 12.15 -13.37
CA PRO C 168 -4.02 12.06 -13.85
C PRO C 168 -3.08 11.80 -12.68
N VAL C 169 -2.01 11.02 -12.88
CA VAL C 169 -1.09 10.72 -11.77
C VAL C 169 0.03 11.77 -11.63
N PRO C 170 0.35 12.19 -10.40
CA PRO C 170 1.39 13.20 -10.21
C PRO C 170 2.81 12.76 -10.45
N GLN C 171 3.55 13.61 -11.14
CA GLN C 171 4.97 13.38 -11.40
C GLN C 171 5.70 14.31 -10.45
N VAL C 172 5.86 13.86 -9.19
CA VAL C 172 6.51 14.63 -8.12
C VAL C 172 8.01 14.84 -8.35
N ASP C 173 8.47 16.06 -8.14
CA ASP C 173 9.89 16.42 -8.30
C ASP C 173 10.71 16.14 -7.05
N VAL C 174 10.29 16.69 -5.91
CA VAL C 174 11.00 16.54 -4.66
C VAL C 174 10.05 16.22 -3.55
N ALA C 175 10.44 15.27 -2.71
CA ALA C 175 9.63 14.89 -1.55
C ALA C 175 10.50 15.20 -0.33
N ILE C 176 9.91 15.85 0.67
CA ILE C 176 10.64 16.20 1.88
C ILE C 176 9.83 15.67 3.03
N ILE C 177 10.38 14.69 3.75
CA ILE C 177 9.69 14.08 4.86
C ILE C 177 10.49 14.17 6.15
N HIS C 178 9.82 14.06 7.29
CA HIS C 178 10.54 14.12 8.55
C HIS C 178 10.31 12.84 9.33
N ALA C 179 11.38 12.06 9.52
CA ALA C 179 11.33 10.79 10.22
C ALA C 179 12.04 10.79 11.59
N GLN C 180 11.70 9.83 12.46
CA GLN C 180 12.36 9.76 13.78
C GLN C 180 13.81 9.25 13.76
N GLN C 181 14.15 8.41 12.80
CA GLN C 181 15.49 7.89 12.71
C GLN C 181 15.82 7.54 11.30
N ALA C 182 17.03 7.90 10.87
CA ALA C 182 17.49 7.54 9.54
C ALA C 182 18.94 7.14 9.70
N SER C 183 19.59 6.69 8.64
CA SER C 183 21.00 6.30 8.75
C SER C 183 21.79 6.83 7.55
N PRO C 184 23.11 7.01 7.71
CA PRO C 184 23.99 7.53 6.65
C PRO C 184 23.75 7.06 5.23
N ASP C 185 23.15 5.90 5.05
CA ASP C 185 22.93 5.43 3.68
C ASP C 185 21.52 5.69 3.11
N GLY C 186 20.65 6.32 3.90
CA GLY C 186 19.29 6.59 3.42
C GLY C 186 18.16 5.87 4.14
N THR C 187 18.41 4.64 4.57
CA THR C 187 17.42 3.84 5.27
C THR C 187 16.71 4.69 6.31
N VAL C 188 15.40 4.79 6.22
CA VAL C 188 14.62 5.61 7.13
C VAL C 188 13.69 4.77 7.99
N ARG C 189 13.39 5.28 9.17
CA ARG C 189 12.46 4.65 10.07
C ARG C 189 11.46 5.73 10.49
N ILE C 190 10.20 5.46 10.26
CA ILE C 190 9.16 6.39 10.66
C ILE C 190 8.43 5.55 11.68
N TRP C 191 8.34 6.03 12.91
CA TRP C 191 7.59 5.29 13.93
C TRP C 191 6.12 5.79 13.70
N GLY C 192 5.13 4.94 13.95
CA GLY C 192 3.73 5.32 13.75
C GLY C 192 3.28 5.41 12.28
N GLY C 193 2.21 6.17 12.03
CA GLY C 193 1.70 6.29 10.69
C GLY C 193 2.61 7.02 9.73
N LYS C 194 2.77 6.48 8.55
CA LYS C 194 3.60 7.09 7.54
C LYS C 194 2.84 8.13 6.74
N PHE C 195 1.51 8.05 6.79
CA PHE C 195 0.60 8.93 6.05
C PHE C 195 1.00 8.70 4.59
N GLN C 196 1.37 9.75 3.87
CA GLN C 196 1.75 9.59 2.48
C GLN C 196 3.26 9.56 2.27
N ASP C 197 3.99 9.68 3.38
CA ASP C 197 5.46 9.77 3.39
C ASP C 197 6.25 8.74 2.60
N VAL C 198 5.84 7.48 2.64
CA VAL C 198 6.56 6.45 1.88
C VAL C 198 6.20 6.53 0.40
N ASP C 199 4.94 6.83 0.10
CA ASP C 199 4.52 6.92 -1.29
C ASP C 199 5.32 8.00 -1.97
N ILE C 200 5.35 9.19 -1.36
CA ILE C 200 6.07 10.32 -1.96
C ILE C 200 7.58 10.08 -2.09
N ALA C 201 8.18 9.47 -1.05
CA ALA C 201 9.60 9.12 -1.05
C ALA C 201 9.90 8.17 -2.23
N GLU C 202 9.03 7.19 -2.43
CA GLU C 202 9.21 6.25 -3.54
C GLU C 202 8.98 6.86 -4.93
N ALA C 203 7.93 7.66 -5.03
CA ALA C 203 7.56 8.30 -6.28
C ALA C 203 8.43 9.50 -6.70
N ALA C 204 8.78 10.36 -5.75
CA ALA C 204 9.57 11.56 -6.07
C ALA C 204 10.88 11.31 -6.79
N LYS C 205 11.32 12.25 -7.62
CA LYS C 205 12.61 12.05 -8.31
C LYS C 205 13.76 12.21 -7.31
N TYR C 206 13.56 13.09 -6.33
CA TYR C 206 14.53 13.37 -5.27
C TYR C 206 13.77 13.38 -3.97
N THR C 207 14.30 12.73 -2.95
CA THR C 207 13.66 12.78 -1.67
C THR C 207 14.72 13.12 -0.62
N ILE C 208 14.30 13.97 0.32
CA ILE C 208 15.12 14.53 1.38
C ILE C 208 14.47 14.13 2.71
N VAL C 209 15.27 13.66 3.66
CA VAL C 209 14.72 13.23 4.94
C VAL C 209 15.41 13.94 6.07
N THR C 210 14.64 14.72 6.83
CA THR C 210 15.18 15.40 8.01
C THR C 210 14.80 14.36 9.08
N CYS C 211 15.63 14.18 10.09
CA CYS C 211 15.37 13.18 11.11
C CYS C 211 15.77 13.60 12.49
N GLU C 212 15.11 13.05 13.48
CA GLU C 212 15.41 13.39 14.87
C GLU C 212 16.75 12.81 15.33
N GLU C 213 17.24 11.82 14.58
CA GLU C 213 18.42 11.12 15.02
C GLU C 213 18.96 10.33 13.87
N ILE C 214 20.27 10.21 13.83
CA ILE C 214 20.94 9.43 12.80
C ILE C 214 21.60 8.27 13.55
N ILE C 215 21.36 7.06 13.07
CA ILE C 215 21.99 5.89 13.68
C ILE C 215 22.79 5.30 12.54
N SER C 216 23.56 4.26 12.83
CA SER C 216 24.41 3.65 11.82
C SER C 216 23.73 2.65 10.93
N ASP C 217 24.23 2.54 9.71
CA ASP C 217 23.72 1.59 8.73
C ASP C 217 23.62 0.17 9.30
N GLU C 218 24.46 -0.16 10.27
CA GLU C 218 24.48 -1.50 10.86
C GLU C 218 23.43 -1.66 11.94
N GLU C 219 23.23 -0.61 12.73
CA GLU C 219 22.24 -0.65 13.80
C GLU C 219 20.81 -0.66 13.25
N ILE C 220 20.59 0.11 12.19
CA ILE C 220 19.27 0.22 11.58
C ILE C 220 18.83 -1.08 10.90
N ARG C 221 19.80 -1.91 10.53
CA ARG C 221 19.54 -3.19 9.90
C ARG C 221 19.40 -4.36 10.84
N ARG C 222 19.65 -4.16 12.12
CA ARG C 222 19.56 -5.27 13.05
C ARG C 222 18.17 -5.83 13.22
N ASP C 223 17.17 -5.03 12.89
CA ASP C 223 15.78 -5.43 12.96
C ASP C 223 15.16 -4.65 11.83
N PRO C 224 15.17 -5.24 10.62
CA PRO C 224 14.62 -4.59 9.42
C PRO C 224 13.10 -4.42 9.45
N THR C 225 12.44 -4.89 10.50
CA THR C 225 10.99 -4.75 10.58
C THR C 225 10.58 -3.36 11.09
N LYS C 226 11.56 -2.55 11.46
CA LYS C 226 11.27 -1.22 11.97
C LYS C 226 11.50 -0.17 10.90
N ASN C 227 12.05 -0.57 9.76
CA ASN C 227 12.37 0.33 8.67
C ASN C 227 11.18 0.55 7.72
N ASP C 228 11.22 1.66 6.97
CA ASP C 228 10.11 1.98 6.08
C ASP C 228 10.44 2.31 4.65
N ILE C 229 11.64 2.81 4.43
CA ILE C 229 12.06 3.18 3.09
C ILE C 229 13.50 2.75 2.92
N PRO C 230 13.83 2.11 1.80
CA PRO C 230 15.22 1.70 1.65
C PRO C 230 16.02 2.95 1.24
N GLY C 231 17.30 2.99 1.57
CA GLY C 231 18.12 4.13 1.22
C GLY C 231 18.26 4.46 -0.26
N MET C 232 18.00 3.52 -1.15
CA MET C 232 18.14 3.83 -2.58
C MET C 232 17.16 4.92 -2.97
N CYS C 233 16.16 5.12 -2.11
CA CYS C 233 15.13 6.10 -2.34
C CYS C 233 15.38 7.46 -1.68
N VAL C 234 16.30 7.53 -0.73
CA VAL C 234 16.60 8.80 -0.06
C VAL C 234 17.87 9.42 -0.64
N ASP C 235 17.89 10.74 -0.80
CA ASP C 235 19.04 11.41 -1.39
C ASP C 235 19.80 12.23 -0.38
N ALA C 236 19.15 12.60 0.71
CA ALA C 236 19.82 13.41 1.69
C ALA C 236 19.23 13.18 3.06
N VAL C 237 20.10 12.92 4.05
CA VAL C 237 19.64 12.74 5.42
C VAL C 237 20.11 14.02 6.06
N VAL C 238 19.24 14.63 6.86
CA VAL C 238 19.55 15.87 7.53
C VAL C 238 19.15 15.75 9.02
N LEU C 239 20.12 15.92 9.90
CA LEU C 239 19.88 15.83 11.33
C LEU C 239 19.21 17.14 11.75
N ALA C 240 18.05 17.01 12.37
CA ALA C 240 17.29 18.17 12.78
C ALA C 240 16.38 17.81 13.93
N PRO C 241 16.92 17.77 15.16
CA PRO C 241 16.11 17.42 16.33
C PRO C 241 14.97 18.40 16.43
N TYR C 242 13.77 17.88 16.72
CA TYR C 242 12.56 18.68 16.83
C TYR C 242 12.29 19.43 15.53
N GLY C 243 12.70 18.86 14.40
CA GLY C 243 12.49 19.51 13.13
C GLY C 243 11.07 19.50 12.61
N ALA C 244 10.14 18.97 13.40
CA ALA C 244 8.74 18.91 12.98
C ALA C 244 7.91 19.88 13.82
N HIS C 245 8.54 20.45 14.84
CA HIS C 245 7.92 21.41 15.74
C HIS C 245 7.24 22.51 14.88
N PRO C 246 6.01 22.95 15.26
CA PRO C 246 5.16 22.58 16.39
C PRO C 246 4.20 21.39 16.19
N SER C 247 4.43 20.57 15.15
CA SER C 247 3.58 19.41 14.94
C SER C 247 4.18 18.23 15.70
N GLN C 248 3.34 17.32 16.18
CA GLN C 248 3.77 16.15 16.93
C GLN C 248 4.67 15.25 16.14
N CYS C 249 5.31 14.34 16.86
CA CYS C 249 6.21 13.34 16.29
C CYS C 249 5.96 12.16 17.20
N TYR C 250 5.40 11.09 16.63
CA TYR C 250 5.06 9.88 17.36
C TYR C 250 6.24 9.30 18.13
N GLY C 251 5.99 8.98 19.40
CA GLY C 251 7.03 8.41 20.23
C GLY C 251 7.97 9.40 20.89
N LEU C 252 8.05 10.62 20.35
CA LEU C 252 8.94 11.64 20.86
C LEU C 252 8.25 12.81 21.53
N TYR C 253 7.75 13.75 20.72
CA TYR C 253 7.08 14.92 21.28
C TYR C 253 5.69 15.22 20.70
N ASP C 254 4.91 15.92 21.53
CA ASP C 254 3.55 16.35 21.25
C ASP C 254 3.59 17.71 20.57
N TYR C 255 2.44 18.23 20.13
CA TYR C 255 2.39 19.55 19.47
C TYR C 255 2.45 20.68 20.47
N ASP C 256 3.01 21.78 20.02
CA ASP C 256 3.17 22.97 20.86
C ASP C 256 1.91 23.80 20.64
N ASN C 257 0.93 23.68 21.51
CA ASN C 257 -0.28 24.46 21.30
C ASN C 257 0.00 25.95 21.30
N PRO C 258 0.67 26.48 22.35
CA PRO C 258 1.00 27.90 22.48
C PRO C 258 1.62 28.51 21.24
N PHE C 259 2.43 27.73 20.54
CA PHE C 259 3.06 28.22 19.33
C PHE C 259 2.08 28.18 18.18
N LEU C 260 1.16 27.22 18.23
CA LEU C 260 0.14 27.08 17.19
C LEU C 260 -0.88 28.22 17.32
N LYS C 261 -1.25 28.57 18.55
CA LYS C 261 -2.17 29.68 18.77
C LYS C 261 -1.57 30.99 18.25
N VAL C 262 -0.31 31.26 18.57
CA VAL C 262 0.36 32.46 18.11
C VAL C 262 0.22 32.54 16.61
N TYR C 263 0.59 31.48 15.92
CA TYR C 263 0.48 31.47 14.46
C TYR C 263 -0.96 31.66 14.02
N ASP C 264 -1.91 31.15 14.81
CA ASP C 264 -3.30 31.28 14.48
C ASP C 264 -3.74 32.72 14.33
N LYS C 265 -3.53 33.51 15.39
CA LYS C 265 -3.92 34.91 15.37
C LYS C 265 -2.97 35.75 14.52
N VAL C 266 -1.70 35.44 14.56
CA VAL C 266 -0.73 36.19 13.78
C VAL C 266 -1.00 36.11 12.28
N SER C 267 -1.45 34.95 11.80
CA SER C 267 -1.71 34.78 10.38
C SER C 267 -3.03 35.41 9.88
N LYS C 268 -3.86 35.92 10.80
CA LYS C 268 -5.11 36.59 10.43
C LYS C 268 -4.90 37.77 9.51
N THR C 269 -3.69 38.36 9.53
CA THR C 269 -3.35 39.51 8.69
C THR C 269 -1.95 39.31 8.09
N GLN C 270 -1.74 39.76 6.86
CA GLN C 270 -0.42 39.60 6.20
C GLN C 270 0.65 40.46 6.89
N GLU C 271 0.21 41.54 7.52
CA GLU C 271 1.11 42.44 8.23
C GLU C 271 1.75 41.66 9.36
N ASP C 272 0.93 41.10 10.24
CA ASP C 272 1.46 40.31 11.35
C ASP C 272 2.18 39.07 10.86
N PHE C 273 1.62 38.41 9.86
CA PHE C 273 2.23 37.22 9.29
C PHE C 273 3.68 37.51 8.90
N ASP C 274 3.88 38.46 8.01
CA ASP C 274 5.23 38.83 7.57
C ASP C 274 6.11 39.15 8.78
N ALA C 275 5.52 39.74 9.82
CA ALA C 275 6.30 40.06 11.00
C ALA C 275 6.79 38.77 11.65
N PHE C 276 5.87 37.81 11.75
CA PHE C 276 6.13 36.51 12.36
C PHE C 276 7.21 35.80 11.55
N CYS C 277 7.07 35.79 10.24
CA CYS C 277 8.07 35.14 9.41
C CYS C 277 9.43 35.83 9.50
N LYS C 278 9.47 37.12 9.80
CA LYS C 278 10.76 37.81 9.91
C LYS C 278 11.47 37.35 11.18
N GLU C 279 10.77 37.37 12.30
CA GLU C 279 11.34 36.93 13.57
C GLU C 279 11.75 35.46 13.62
N TRP C 280 10.85 34.56 13.23
CA TRP C 280 11.11 33.11 13.31
C TRP C 280 11.77 32.45 12.10
N VAL C 281 11.78 33.10 10.96
CA VAL C 281 12.35 32.47 9.78
C VAL C 281 13.51 33.24 9.20
N PHE C 282 13.25 34.45 8.76
CA PHE C 282 14.27 35.26 8.13
C PHE C 282 15.32 35.84 9.08
N ASP C 283 14.96 36.05 10.34
CA ASP C 283 15.94 36.59 11.27
C ASP C 283 16.81 35.49 11.89
N LEU C 284 16.37 34.24 11.77
CA LEU C 284 17.10 33.10 12.32
C LEU C 284 18.02 32.48 11.29
N LYS C 285 19.26 32.24 11.68
CA LYS C 285 20.24 31.69 10.78
C LYS C 285 19.96 30.23 10.46
N ASP C 286 19.56 29.49 11.49
CA ASP C 286 19.28 28.08 11.30
C ASP C 286 18.40 27.44 12.35
N HIS C 287 18.30 26.11 12.24
CA HIS C 287 17.48 25.30 13.10
C HIS C 287 17.95 25.29 14.56
N ASP C 288 19.25 25.45 14.78
CA ASP C 288 19.77 25.48 16.14
C ASP C 288 19.34 26.77 16.83
N GLU C 289 19.34 27.86 16.05
CA GLU C 289 18.93 29.18 16.55
C GLU C 289 17.49 29.09 16.97
N TYR C 290 16.70 28.43 16.09
CA TYR C 290 15.28 28.20 16.32
C TYR C 290 15.08 27.43 17.64
N LEU C 291 15.84 26.34 17.81
CA LEU C 291 15.74 25.55 19.01
C LEU C 291 16.10 26.34 20.26
N ASN C 292 17.20 27.06 20.20
CA ASN C 292 17.66 27.86 21.35
C ASN C 292 16.69 28.96 21.67
N LYS C 293 16.13 29.56 20.61
CA LYS C 293 15.15 30.63 20.74
C LYS C 293 13.95 30.09 21.51
N LEU C 294 13.51 28.88 21.19
CA LEU C 294 12.39 28.28 21.91
C LEU C 294 12.72 28.09 23.39
N GLY C 295 13.83 27.39 23.68
CA GLY C 295 14.22 27.19 25.07
C GLY C 295 14.28 25.74 25.49
N ALA C 296 15.24 25.40 26.35
CA ALA C 296 15.41 24.03 26.79
C ALA C 296 14.18 23.45 27.45
N THR C 297 13.74 24.02 28.56
CA THR C 297 12.56 23.49 29.24
C THR C 297 11.33 23.50 28.34
N ARG C 298 11.28 24.40 27.35
CA ARG C 298 10.15 24.47 26.45
C ARG C 298 10.01 23.10 25.77
N LEU C 299 11.02 22.75 24.99
CA LEU C 299 11.01 21.50 24.27
C LEU C 299 10.84 20.29 25.19
N ILE C 300 11.55 20.26 26.31
CA ILE C 300 11.43 19.15 27.25
C ILE C 300 9.99 18.90 27.63
N ASN C 301 9.25 19.97 27.89
CA ASN C 301 7.85 19.83 28.29
C ASN C 301 6.87 19.41 27.22
N LEU C 302 7.35 19.15 26.02
CA LEU C 302 6.50 18.69 24.95
C LEU C 302 6.47 17.16 24.96
N LYS C 303 7.45 16.57 25.64
CA LYS C 303 7.66 15.13 25.73
C LYS C 303 6.52 14.18 25.95
N VAL C 304 6.52 13.15 25.10
CA VAL C 304 5.53 12.10 25.09
C VAL C 304 5.73 11.19 26.30
N VAL C 305 4.66 10.97 27.05
CA VAL C 305 4.69 10.12 28.24
C VAL C 305 4.46 8.68 27.82
N PRO C 306 5.36 7.75 28.20
CA PRO C 306 5.19 6.34 27.83
C PRO C 306 3.87 5.86 28.43
N GLY C 307 3.06 5.20 27.60
CA GLY C 307 1.77 4.75 28.09
C GLY C 307 0.59 5.53 27.53
N LEU C 308 0.79 6.83 27.30
CA LEU C 308 -0.23 7.70 26.73
C LEU C 308 0.10 7.93 25.27
N GLY C 309 1.34 8.30 24.99
CA GLY C 309 1.73 8.53 23.62
C GLY C 309 1.65 10.01 23.31
N TYR C 310 1.15 10.78 24.28
CA TYR C 310 1.03 12.22 24.13
C TYR C 310 1.54 12.83 25.43
N HIS C 311 1.79 14.12 25.47
CA HIS C 311 2.29 14.71 26.70
C HIS C 311 1.23 15.11 27.72
N ILE C 312 1.57 14.95 28.99
CA ILE C 312 0.73 15.43 30.08
C ILE C 312 1.72 15.68 31.20
N ASP C 313 1.27 16.32 32.28
CA ASP C 313 2.12 16.63 33.41
C ASP C 313 1.91 15.63 34.52
N MET C 314 2.77 14.61 34.53
CA MET C 314 2.66 13.57 35.52
C MET C 314 2.80 14.06 36.93
N THR C 315 3.34 15.26 37.12
CA THR C 315 3.51 15.81 38.46
C THR C 315 2.18 16.28 39.04
N LYS C 316 1.13 16.05 38.27
CA LYS C 316 -0.23 16.40 38.67
C LYS C 316 -1.10 15.14 38.68
N GLU C 317 -0.44 13.99 38.52
CA GLU C 317 -1.06 12.67 38.52
C GLU C 317 -0.67 11.89 39.77
N ASP D 1 -21.97 18.42 35.28
CA ASP D 1 -22.53 17.16 35.84
C ASP D 1 -24.04 17.25 36.10
N TYR D 2 -24.49 18.40 36.58
CA TYR D 2 -25.90 18.54 36.91
C TYR D 2 -26.89 18.93 35.81
N THR D 3 -28.11 19.23 36.27
CA THR D 3 -29.26 19.62 35.46
C THR D 3 -29.09 20.67 34.36
N ASN D 4 -27.99 21.42 34.37
CA ASN D 4 -27.79 22.45 33.35
C ASN D 4 -26.96 22.02 32.16
N TYR D 5 -27.56 21.20 31.31
CA TYR D 5 -26.88 20.70 30.12
C TYR D 5 -26.84 21.75 29.04
N THR D 6 -25.78 21.72 28.24
CA THR D 6 -25.62 22.67 27.15
C THR D 6 -26.22 22.12 25.85
N ASN D 7 -26.37 23.00 24.87
CA ASN D 7 -26.90 22.60 23.59
C ASN D 7 -26.00 21.53 22.98
N LYS D 8 -24.69 21.78 23.03
CA LYS D 8 -23.70 20.84 22.50
C LYS D 8 -23.82 19.50 23.20
N GLU D 9 -24.10 19.51 24.49
CA GLU D 9 -24.25 18.26 25.20
C GLU D 9 -25.47 17.51 24.69
N MET D 10 -26.55 18.27 24.44
CA MET D 10 -27.78 17.69 23.92
C MET D 10 -27.44 17.01 22.60
N GLN D 11 -26.74 17.71 21.71
CA GLN D 11 -26.36 17.10 20.42
C GLN D 11 -25.49 15.85 20.55
N ALA D 12 -24.50 15.87 21.45
CA ALA D 12 -23.61 14.73 21.65
C ALA D 12 -24.36 13.49 22.12
N VAL D 13 -25.14 13.62 23.19
CA VAL D 13 -25.93 12.50 23.71
C VAL D 13 -26.93 11.94 22.68
N THR D 14 -27.44 12.82 21.84
CA THR D 14 -28.38 12.46 20.79
C THR D 14 -27.63 11.66 19.73
N ILE D 15 -26.40 12.06 19.46
CA ILE D 15 -25.54 11.38 18.49
C ILE D 15 -25.19 9.97 19.02
N ALA D 16 -24.84 9.91 20.30
CA ALA D 16 -24.50 8.67 20.97
C ALA D 16 -25.66 7.69 20.92
N LYS D 17 -26.88 8.22 21.01
CA LYS D 17 -28.07 7.39 20.97
C LYS D 17 -28.42 6.89 19.57
N GLN D 18 -27.63 7.27 18.58
CA GLN D 18 -27.88 6.82 17.21
C GLN D 18 -26.92 5.67 16.87
N ILE D 19 -25.86 5.52 17.66
CA ILE D 19 -24.87 4.47 17.44
C ILE D 19 -25.42 3.15 17.94
N LYS D 20 -25.10 2.08 17.23
CA LYS D 20 -25.56 0.76 17.58
C LYS D 20 -24.37 -0.16 17.87
N ASN D 21 -24.58 -1.05 18.82
CA ASN D 21 -23.54 -2.01 19.20
C ASN D 21 -23.13 -2.88 18.02
N GLY D 22 -21.86 -2.82 17.67
CA GLY D 22 -21.38 -3.63 16.57
C GLY D 22 -21.11 -2.86 15.30
N GLN D 23 -21.57 -1.62 15.21
CA GLN D 23 -21.31 -0.90 13.99
C GLN D 23 -20.01 -0.08 13.92
N VAL D 24 -19.51 0.07 12.71
CA VAL D 24 -18.30 0.81 12.43
C VAL D 24 -18.74 2.26 12.22
N VAL D 25 -18.19 3.16 13.03
CA VAL D 25 -18.50 4.59 13.01
C VAL D 25 -17.35 5.46 12.52
N THR D 26 -17.53 6.13 11.39
CA THR D 26 -16.50 7.01 10.87
C THR D 26 -16.71 8.35 11.56
N VAL D 27 -15.66 8.90 12.17
CA VAL D 27 -15.75 10.18 12.85
C VAL D 27 -14.56 11.05 12.54
N GLY D 28 -14.60 12.24 13.13
CA GLY D 28 -13.55 13.23 13.01
C GLY D 28 -13.47 13.73 14.43
N THR D 29 -13.32 15.03 14.62
CA THR D 29 -13.28 15.56 15.98
C THR D 29 -14.51 16.44 16.22
N GLY D 30 -14.70 16.85 17.46
CA GLY D 30 -15.84 17.69 17.76
C GLY D 30 -16.98 16.93 18.37
N LEU D 31 -18.22 17.37 18.09
CA LEU D 31 -19.40 16.70 18.62
C LEU D 31 -19.53 15.25 18.16
N PRO D 32 -19.33 14.98 16.85
CA PRO D 32 -19.45 13.57 16.44
C PRO D 32 -18.54 12.70 17.33
N LEU D 33 -17.30 13.17 17.54
CA LEU D 33 -16.29 12.50 18.35
C LEU D 33 -16.77 12.30 19.77
N ILE D 34 -17.33 13.36 20.35
CA ILE D 34 -17.89 13.30 21.69
C ILE D 34 -19.08 12.34 21.67
N GLY D 35 -19.74 12.25 20.51
CA GLY D 35 -20.89 11.37 20.34
C GLY D 35 -20.45 9.91 20.38
N ALA D 36 -19.48 9.57 19.53
CA ALA D 36 -18.92 8.22 19.46
C ALA D 36 -18.33 7.80 20.82
N SER D 37 -17.58 8.71 21.45
CA SER D 37 -17.00 8.42 22.75
C SER D 37 -18.07 8.01 23.76
N VAL D 38 -19.11 8.82 23.91
CA VAL D 38 -20.17 8.52 24.86
C VAL D 38 -20.87 7.22 24.55
N ALA D 39 -21.03 6.91 23.26
CA ALA D 39 -21.68 5.66 22.87
C ALA D 39 -20.76 4.51 23.32
N LYS D 40 -19.54 4.52 22.78
CA LYS D 40 -18.52 3.52 23.08
C LYS D 40 -18.42 3.23 24.58
N ARG D 41 -18.36 4.30 25.36
CA ARG D 41 -18.25 4.20 26.80
C ARG D 41 -19.56 3.88 27.52
N VAL D 42 -20.70 4.19 26.89
CA VAL D 42 -21.98 3.98 27.55
C VAL D 42 -23.02 3.14 26.78
N TYR D 43 -23.57 3.73 25.71
CA TYR D 43 -24.61 3.14 24.89
C TYR D 43 -24.30 1.91 24.03
N ALA D 44 -23.14 1.90 23.40
CA ALA D 44 -22.75 0.78 22.55
C ALA D 44 -21.26 0.55 22.73
N PRO D 45 -20.89 -0.19 23.78
CA PRO D 45 -19.52 -0.51 24.15
C PRO D 45 -18.73 -1.17 23.02
N ASP D 46 -19.39 -1.94 22.17
CA ASP D 46 -18.65 -2.57 21.09
C ASP D 46 -18.99 -2.11 19.68
N CYS D 47 -18.77 -0.82 19.44
CA CYS D 47 -18.96 -0.25 18.12
C CYS D 47 -17.50 0.08 17.80
N HIS D 48 -17.14 0.22 16.54
CA HIS D 48 -15.74 0.48 16.21
C HIS D 48 -15.47 1.78 15.49
N ILE D 49 -14.88 2.71 16.21
CA ILE D 49 -14.56 4.01 15.64
C ILE D 49 -13.41 3.97 14.62
N ILE D 50 -13.55 4.69 13.52
CA ILE D 50 -12.50 4.77 12.48
C ILE D 50 -12.43 6.19 11.90
N VAL D 51 -11.23 6.73 11.74
CA VAL D 51 -11.08 8.08 11.22
C VAL D 51 -10.44 8.08 9.85
N GLU D 52 -10.64 9.14 9.09
CA GLU D 52 -10.11 9.22 7.73
C GLU D 52 -8.61 9.28 7.54
N SER D 53 -7.85 9.29 8.62
CA SER D 53 -6.41 9.33 8.51
C SER D 53 -5.85 7.91 8.31
N GLY D 54 -6.63 6.92 8.77
CA GLY D 54 -6.24 5.52 8.66
C GLY D 54 -6.09 4.82 10.00
N LEU D 55 -6.56 5.45 11.06
CA LEU D 55 -6.46 4.88 12.38
C LEU D 55 -7.76 4.15 12.62
N MET D 56 -7.67 2.82 12.59
CA MET D 56 -8.81 1.93 12.76
C MET D 56 -9.08 1.50 14.20
N ASP D 57 -10.36 1.27 14.49
CA ASP D 57 -10.83 0.84 15.81
C ASP D 57 -10.19 1.67 16.94
N CYS D 58 -10.58 2.94 17.02
CA CYS D 58 -10.03 3.88 18.00
C CYS D 58 -10.70 3.90 19.36
N SER D 59 -9.92 4.25 20.38
CA SER D 59 -10.41 4.39 21.74
C SER D 59 -9.49 5.39 22.46
N PRO D 60 -9.75 6.68 22.25
CA PRO D 60 -8.95 7.77 22.85
C PRO D 60 -9.13 7.86 24.34
N VAL D 61 -8.13 8.41 25.01
CA VAL D 61 -8.16 8.61 26.45
C VAL D 61 -8.53 10.08 26.63
N GLU D 62 -7.68 10.97 26.13
CA GLU D 62 -7.92 12.39 26.18
C GLU D 62 -8.30 12.66 24.75
N VAL D 63 -9.24 13.59 24.56
CA VAL D 63 -9.74 13.93 23.24
C VAL D 63 -8.75 14.52 22.23
N PRO D 64 -8.73 13.94 21.02
CA PRO D 64 -7.88 14.37 19.91
C PRO D 64 -8.42 15.68 19.31
N ARG D 65 -7.51 16.59 18.90
CA ARG D 65 -7.90 17.85 18.27
C ARG D 65 -7.84 17.67 16.75
N SER D 66 -7.30 16.55 16.30
CA SER D 66 -7.14 16.29 14.88
C SER D 66 -7.41 14.81 14.58
N VAL D 67 -7.48 14.44 13.30
CA VAL D 67 -7.72 13.03 12.96
C VAL D 67 -6.42 12.22 12.93
N GLY D 68 -5.28 12.91 12.85
CA GLY D 68 -3.99 12.24 12.86
C GLY D 68 -3.37 12.39 14.25
N ASP D 69 -4.12 12.96 15.19
CA ASP D 69 -3.63 13.21 16.54
C ASP D 69 -3.07 11.95 17.22
N LEU D 70 -1.91 12.09 17.88
CA LEU D 70 -1.29 10.99 18.60
C LEU D 70 -2.28 10.48 19.61
N ARG D 71 -3.25 11.32 19.97
CA ARG D 71 -4.27 10.94 20.94
C ARG D 71 -5.18 9.83 20.38
N PHE D 72 -5.21 9.68 19.07
CA PHE D 72 -5.97 8.64 18.38
C PHE D 72 -4.97 7.56 18.08
N MET D 73 -3.91 7.94 17.37
CA MET D 73 -2.86 7.04 16.96
C MET D 73 -2.31 6.10 18.02
N ALA D 74 -1.94 6.60 19.18
CA ALA D 74 -1.41 5.76 20.25
C ALA D 74 -2.52 4.96 20.90
N HIS D 75 -3.77 5.19 20.48
CA HIS D 75 -4.90 4.49 21.07
C HIS D 75 -5.88 3.93 20.07
N CYS D 76 -5.40 3.03 19.24
CA CYS D 76 -6.26 2.42 18.26
C CYS D 76 -5.79 0.97 18.11
N GLY D 77 -6.54 0.18 17.37
CA GLY D 77 -6.18 -1.19 17.17
C GLY D 77 -5.26 -1.41 15.98
N CYS D 78 -5.19 -0.48 15.05
CA CYS D 78 -4.32 -0.67 13.89
C CYS D 78 -4.12 0.65 13.13
N ILE D 79 -2.90 0.92 12.70
CA ILE D 79 -2.60 2.14 11.96
C ILE D 79 -2.43 1.79 10.47
N TRP D 80 -3.41 2.14 9.66
CA TRP D 80 -3.39 1.85 8.23
C TRP D 80 -3.07 3.10 7.41
N PRO D 81 -2.52 2.89 6.21
CA PRO D 81 -2.19 4.03 5.35
C PRO D 81 -3.53 4.67 5.00
N ASN D 82 -3.49 5.94 4.63
CA ASN D 82 -4.70 6.68 4.29
C ASN D 82 -5.54 5.92 3.27
N VAL D 83 -4.91 5.56 2.15
CA VAL D 83 -5.60 4.84 1.10
C VAL D 83 -6.37 3.58 1.50
N ARG D 84 -5.91 2.89 2.54
CA ARG D 84 -6.63 1.69 2.95
C ARG D 84 -7.95 2.03 3.61
N PHE D 85 -8.08 3.26 4.09
CA PHE D 85 -9.35 3.71 4.68
C PHE D 85 -10.39 3.89 3.56
N VAL D 86 -9.94 4.46 2.44
CA VAL D 86 -10.83 4.64 1.32
C VAL D 86 -11.29 3.24 0.91
N GLY D 87 -10.31 2.39 0.60
CA GLY D 87 -10.60 1.01 0.23
C GLY D 87 -11.51 0.27 1.20
N PHE D 88 -11.34 0.50 2.49
CA PHE D 88 -12.17 -0.16 3.48
C PHE D 88 -13.63 0.21 3.30
N GLU D 89 -13.92 1.51 3.30
CA GLU D 89 -15.28 2.00 3.16
C GLU D 89 -15.90 1.54 1.83
N ILE D 90 -15.12 1.51 0.76
CA ILE D 90 -15.64 1.03 -0.51
C ILE D 90 -15.99 -0.45 -0.38
N ASN D 91 -15.07 -1.23 0.17
CA ASN D 91 -15.27 -2.68 0.34
C ASN D 91 -16.46 -2.99 1.24
N GLU D 92 -16.63 -2.20 2.29
CA GLU D 92 -17.75 -2.36 3.23
C GLU D 92 -19.07 -2.42 2.44
N TYR D 93 -19.16 -1.55 1.43
CA TYR D 93 -20.31 -1.42 0.56
C TYR D 93 -20.35 -2.63 -0.34
N LEU D 94 -19.27 -2.85 -1.08
CA LEU D 94 -19.20 -3.98 -1.99
C LEU D 94 -19.60 -5.28 -1.29
N HIS D 95 -19.20 -5.45 -0.04
CA HIS D 95 -19.56 -6.68 0.69
C HIS D 95 -21.00 -6.65 1.13
N LYS D 96 -21.60 -5.46 1.13
CA LYS D 96 -22.97 -5.27 1.60
C LYS D 96 -22.93 -5.72 3.05
N ALA D 97 -21.94 -5.22 3.76
CA ALA D 97 -21.75 -5.54 5.16
C ALA D 97 -22.81 -4.82 5.95
N ASN D 98 -23.24 -3.68 5.42
CA ASN D 98 -24.25 -2.87 6.07
C ASN D 98 -24.03 -2.76 7.58
N ARG D 99 -23.11 -1.87 7.97
CA ARG D 99 -22.80 -1.64 9.39
C ARG D 99 -22.15 -0.28 9.57
N LEU D 100 -21.58 0.22 8.49
CA LEU D 100 -20.94 1.50 8.53
C LEU D 100 -21.94 2.67 8.62
N ILE D 101 -21.64 3.61 9.54
CA ILE D 101 -22.41 4.85 9.70
C ILE D 101 -21.34 5.93 9.86
N ALA D 102 -21.34 6.91 8.96
CA ALA D 102 -20.35 7.97 9.00
C ALA D 102 -20.96 9.33 9.26
N PHE D 103 -20.25 10.16 10.01
CA PHE D 103 -20.66 11.53 10.34
C PHE D 103 -19.98 12.55 9.43
N ILE D 104 -20.71 13.58 9.02
CA ILE D 104 -20.11 14.62 8.22
C ILE D 104 -20.64 15.95 8.66
N GLY D 105 -20.26 17.01 7.95
CA GLY D 105 -20.70 18.34 8.29
C GLY D 105 -20.40 19.26 7.14
N GLY D 106 -20.92 20.49 7.22
CA GLY D 106 -20.68 21.45 6.16
C GLY D 106 -21.19 22.83 6.53
N ALA D 107 -21.12 23.74 5.55
CA ALA D 107 -21.59 25.11 5.70
C ALA D 107 -23.08 25.30 5.33
N GLN D 108 -23.55 24.56 4.33
CA GLN D 108 -24.94 24.67 3.87
C GLN D 108 -25.50 23.28 3.62
N ILE D 109 -26.83 23.16 3.60
CA ILE D 109 -27.48 21.88 3.31
C ILE D 109 -28.82 22.12 2.58
N ASP D 110 -29.11 21.35 1.53
CA ASP D 110 -30.38 21.52 0.83
C ASP D 110 -31.39 20.43 1.23
N PRO D 111 -32.67 20.54 0.82
CA PRO D 111 -33.71 19.56 1.17
C PRO D 111 -33.44 18.07 0.93
N TYR D 112 -32.43 17.77 0.12
CA TYR D 112 -32.08 16.38 -0.19
C TYR D 112 -30.78 15.91 0.50
N GLY D 113 -30.30 16.70 1.45
CA GLY D 113 -29.11 16.32 2.18
C GLY D 113 -27.79 16.71 1.57
N ASN D 114 -27.75 17.17 0.32
CA ASN D 114 -26.49 17.58 -0.29
C ASN D 114 -25.86 18.65 0.60
N VAL D 115 -24.55 18.53 0.84
CA VAL D 115 -23.82 19.46 1.70
C VAL D 115 -22.64 20.17 1.07
N ASN D 116 -22.42 21.42 1.48
CA ASN D 116 -21.33 22.22 0.96
C ASN D 116 -20.33 22.48 2.07
N SER D 117 -19.06 22.22 1.80
CA SER D 117 -17.99 22.45 2.77
C SER D 117 -16.77 23.12 2.11
N THR D 118 -16.88 23.42 0.81
CA THR D 118 -15.82 24.05 0.05
C THR D 118 -15.84 25.60 0.06
N SER D 119 -16.91 26.21 -0.45
CA SER D 119 -16.98 27.67 -0.50
C SER D 119 -18.40 28.19 -0.74
N ILE D 120 -18.64 29.39 -0.19
CA ILE D 120 -19.92 30.13 -0.26
C ILE D 120 -19.84 31.24 -1.29
N GLY D 121 -20.76 31.20 -2.25
CA GLY D 121 -20.77 32.18 -3.32
C GLY D 121 -20.08 31.60 -4.56
N ASP D 122 -19.73 32.45 -5.53
CA ASP D 122 -19.06 31.95 -6.72
C ASP D 122 -17.81 31.15 -6.35
N TYR D 123 -17.83 29.85 -6.62
CA TYR D 123 -16.69 28.97 -6.34
C TYR D 123 -15.33 29.54 -6.80
N HIS D 124 -15.26 30.05 -8.02
CA HIS D 124 -14.00 30.60 -8.52
C HIS D 124 -13.55 31.93 -7.91
N HIS D 125 -14.43 32.59 -7.16
CA HIS D 125 -14.12 33.87 -6.50
C HIS D 125 -15.11 33.89 -5.36
N PRO D 126 -14.94 32.98 -4.40
CA PRO D 126 -15.81 32.84 -3.23
C PRO D 126 -15.92 34.02 -2.29
N LYS D 127 -17.02 34.03 -1.55
CA LYS D 127 -17.29 35.05 -0.57
C LYS D 127 -16.55 34.51 0.65
N THR D 128 -16.71 33.21 0.89
CA THR D 128 -16.06 32.54 2.00
C THR D 128 -15.49 31.20 1.54
N ARG D 129 -14.17 31.08 1.64
CA ARG D 129 -13.47 29.88 1.23
C ARG D 129 -13.23 29.05 2.48
N PHE D 130 -13.51 27.75 2.39
CA PHE D 130 -13.33 26.85 3.51
C PHE D 130 -12.19 25.93 3.17
N THR D 131 -11.97 24.90 3.98
CA THR D 131 -10.88 23.97 3.73
C THR D 131 -11.02 23.22 2.41
N GLY D 132 -12.19 22.67 2.15
CA GLY D 132 -12.40 21.94 0.92
C GLY D 132 -13.04 20.61 1.25
N SER D 133 -13.05 19.70 0.27
CA SER D 133 -13.64 18.39 0.47
C SER D 133 -13.23 17.60 1.71
N GLY D 134 -11.94 17.37 1.86
CA GLY D 134 -11.44 16.54 2.95
C GLY D 134 -11.79 15.14 2.43
N GLY D 135 -12.18 14.23 3.31
CA GLY D 135 -12.56 12.90 2.87
C GLY D 135 -14.08 12.74 2.93
N ALA D 136 -14.77 13.84 3.20
CA ALA D 136 -16.23 13.83 3.30
C ALA D 136 -16.82 13.52 1.95
N ASN D 137 -16.10 13.86 0.89
CA ASN D 137 -16.65 13.53 -0.40
C ASN D 137 -16.75 12.01 -0.49
N GLY D 138 -15.66 11.32 -0.12
CA GLY D 138 -15.62 9.88 -0.16
C GLY D 138 -16.63 9.23 0.75
N ILE D 139 -16.74 9.74 1.96
CA ILE D 139 -17.69 9.24 2.92
C ILE D 139 -19.15 9.31 2.40
N ALA D 140 -19.47 10.42 1.70
CA ALA D 140 -20.78 10.67 1.15
C ALA D 140 -21.10 9.73 0.00
N THR D 141 -20.09 9.46 -0.82
CA THR D 141 -20.30 8.56 -1.94
C THR D 141 -20.63 7.10 -1.53
N TYR D 142 -20.06 6.62 -0.43
CA TYR D 142 -20.25 5.23 -0.01
C TYR D 142 -20.76 4.90 1.35
N SER D 143 -21.19 5.85 2.16
CA SER D 143 -21.65 5.45 3.50
C SER D 143 -22.93 6.13 3.90
N ASN D 144 -23.72 5.47 4.71
CA ASN D 144 -24.93 6.07 5.21
C ASN D 144 -24.39 7.14 6.11
N THR D 145 -24.92 8.36 6.01
CA THR D 145 -24.40 9.47 6.81
C THR D 145 -25.37 10.20 7.70
N ILE D 146 -24.84 10.76 8.78
CA ILE D 146 -25.58 11.60 9.74
C ILE D 146 -24.87 12.97 9.58
N ILE D 147 -25.55 13.96 8.98
CA ILE D 147 -24.95 15.26 8.76
C ILE D 147 -25.14 16.17 9.96
N MET D 148 -24.15 16.99 10.24
CA MET D 148 -24.21 17.92 11.36
C MET D 148 -24.30 19.30 10.75
N MET D 149 -25.17 20.15 11.29
CA MET D 149 -25.33 21.50 10.79
C MET D 149 -25.77 22.43 11.91
N GLN D 150 -25.57 23.73 11.70
CA GLN D 150 -26.00 24.73 12.66
C GLN D 150 -27.36 25.13 12.11
N HIS D 151 -28.36 25.21 12.98
CA HIS D 151 -29.68 25.56 12.52
C HIS D 151 -29.85 27.05 12.26
N GLU D 152 -29.47 27.42 11.04
CA GLU D 152 -29.54 28.78 10.59
C GLU D 152 -30.20 28.75 9.23
N LYS D 153 -31.09 29.72 9.03
CA LYS D 153 -31.83 29.84 7.78
C LYS D 153 -30.91 30.02 6.57
N ARG D 154 -29.80 30.74 6.73
CA ARG D 154 -28.89 30.93 5.61
C ARG D 154 -28.12 29.66 5.27
N ARG D 155 -28.15 28.69 6.19
CA ARG D 155 -27.46 27.42 5.97
C ARG D 155 -28.39 26.47 5.24
N PHE D 156 -29.63 26.37 5.74
CA PHE D 156 -30.65 25.53 5.11
C PHE D 156 -31.28 26.28 3.95
N MET D 157 -30.80 25.99 2.76
CA MET D 157 -31.23 26.63 1.53
C MET D 157 -31.88 25.62 0.60
N ASN D 158 -32.29 26.09 -0.57
CA ASN D 158 -32.92 25.27 -1.61
C ASN D 158 -31.89 24.79 -2.60
N LYS D 159 -30.89 25.63 -2.88
CA LYS D 159 -29.84 25.32 -3.83
C LYS D 159 -28.54 25.78 -3.20
N ILE D 160 -27.66 24.84 -2.85
CA ILE D 160 -26.39 25.20 -2.24
C ILE D 160 -25.43 25.63 -3.33
N ASP D 161 -24.44 26.42 -2.94
CA ASP D 161 -23.48 26.96 -3.89
C ASP D 161 -22.55 25.94 -4.49
N TYR D 162 -22.29 24.88 -3.74
CA TYR D 162 -21.36 23.86 -4.20
C TYR D 162 -21.73 22.56 -3.52
N VAL D 163 -21.68 21.47 -4.28
CA VAL D 163 -21.98 20.18 -3.70
C VAL D 163 -20.67 19.45 -3.42
N THR D 164 -20.17 19.51 -2.19
CA THR D 164 -18.92 18.84 -1.89
C THR D 164 -19.23 17.37 -1.64
N SER D 165 -20.18 17.12 -0.75
CA SER D 165 -20.60 15.77 -0.38
C SER D 165 -22.03 15.50 -0.83
N PRO D 166 -22.21 14.60 -1.83
CA PRO D 166 -23.50 14.20 -2.41
C PRO D 166 -24.47 13.55 -1.41
N GLY D 167 -25.73 13.94 -1.49
CA GLY D 167 -26.75 13.37 -0.60
C GLY D 167 -27.75 12.64 -1.47
N TRP D 168 -29.03 12.94 -1.34
CA TRP D 168 -30.05 12.30 -2.19
C TRP D 168 -30.24 13.02 -3.54
N ILE D 169 -29.39 14.01 -3.82
CA ILE D 169 -29.41 14.78 -5.06
C ILE D 169 -30.67 15.61 -5.23
N ASP D 170 -31.67 15.05 -5.92
CA ASP D 170 -32.94 15.70 -6.17
C ASP D 170 -34.12 14.83 -5.71
N GLY D 171 -33.88 13.56 -5.47
CA GLY D 171 -34.92 12.65 -5.03
C GLY D 171 -34.65 11.27 -5.61
N PRO D 172 -35.52 10.29 -5.34
CA PRO D 172 -35.44 8.91 -5.80
C PRO D 172 -34.84 8.76 -7.19
N GLY D 173 -33.79 7.96 -7.26
CA GLY D 173 -33.11 7.72 -8.52
C GLY D 173 -32.02 8.72 -8.84
N GLY D 174 -32.00 9.85 -8.12
CA GLY D 174 -31.01 10.89 -8.36
C GLY D 174 -29.57 10.43 -8.23
N ARG D 175 -29.23 9.80 -7.11
CA ARG D 175 -27.88 9.30 -6.86
C ARG D 175 -27.50 8.37 -8.00
N GLU D 176 -28.45 7.54 -8.42
CA GLU D 176 -28.22 6.59 -9.49
C GLU D 176 -28.00 7.32 -10.80
N ARG D 177 -28.80 8.35 -11.01
CA ARG D 177 -28.73 9.16 -12.20
C ARG D 177 -27.36 9.82 -12.30
N LEU D 178 -26.79 10.17 -11.15
CA LEU D 178 -25.48 10.82 -11.12
C LEU D 178 -24.29 9.89 -11.07
N GLY D 179 -24.55 8.60 -10.86
CA GLY D 179 -23.50 7.60 -10.83
C GLY D 179 -23.03 7.23 -9.44
N LEU D 180 -23.75 7.70 -8.43
CA LEU D 180 -23.36 7.40 -7.08
C LEU D 180 -24.04 6.14 -6.57
N PRO D 181 -23.36 5.37 -5.70
CA PRO D 181 -23.97 4.14 -5.15
C PRO D 181 -25.37 4.51 -4.70
N GLY D 182 -26.36 3.78 -5.20
CA GLY D 182 -27.75 4.07 -4.89
C GLY D 182 -28.34 3.73 -3.53
N ASP D 183 -27.92 2.62 -2.92
CA ASP D 183 -28.51 2.24 -1.64
C ASP D 183 -27.86 2.84 -0.43
N VAL D 184 -27.30 4.03 -0.59
CA VAL D 184 -26.63 4.68 0.52
C VAL D 184 -26.81 6.18 0.46
N GLY D 185 -27.01 6.82 1.60
CA GLY D 185 -27.17 8.25 1.56
C GLY D 185 -27.55 8.84 2.90
N PRO D 186 -27.81 10.16 2.95
CA PRO D 186 -28.18 10.89 4.17
C PRO D 186 -29.28 10.14 4.87
N GLN D 187 -29.08 9.92 6.16
CA GLN D 187 -30.03 9.19 6.95
C GLN D 187 -30.63 10.08 7.98
N LEU D 188 -29.80 10.95 8.54
CA LEU D 188 -30.26 11.84 9.60
C LEU D 188 -29.44 13.10 9.52
N VAL D 189 -29.93 14.13 10.21
CA VAL D 189 -29.27 15.42 10.25
C VAL D 189 -29.50 15.86 11.67
N VAL D 190 -28.41 16.13 12.40
CA VAL D 190 -28.54 16.55 13.79
C VAL D 190 -28.06 18.00 13.80
N THR D 191 -28.82 18.85 14.49
CA THR D 191 -28.48 20.26 14.60
C THR D 191 -28.78 20.68 16.02
N ASP D 192 -28.59 21.96 16.29
CA ASP D 192 -28.83 22.52 17.61
C ASP D 192 -30.28 22.63 18.04
N LYS D 193 -31.21 22.16 17.21
CA LYS D 193 -32.64 22.22 17.56
C LYS D 193 -33.36 20.88 17.54
N GLY D 194 -32.98 19.99 16.64
CA GLY D 194 -33.61 18.68 16.60
C GLY D 194 -32.96 17.81 15.56
N ILE D 195 -33.60 16.68 15.27
CA ILE D 195 -33.08 15.76 14.26
C ILE D 195 -34.08 15.72 13.12
N LEU D 196 -33.56 15.85 11.91
CA LEU D 196 -34.39 15.86 10.73
C LEU D 196 -34.05 14.60 9.92
N LYS D 197 -35.05 13.98 9.33
CA LYS D 197 -34.82 12.79 8.57
C LYS D 197 -35.21 13.06 7.13
N PHE D 198 -35.11 12.02 6.30
CA PHE D 198 -35.41 12.12 4.89
C PHE D 198 -36.55 11.16 4.53
N ASP D 199 -37.55 11.69 3.86
CA ASP D 199 -38.72 10.91 3.46
C ASP D 199 -38.37 9.69 2.61
N GLU D 200 -38.89 8.53 3.00
CA GLU D 200 -38.60 7.29 2.27
C GLU D 200 -38.97 7.33 0.79
N LYS D 201 -40.09 7.97 0.46
CA LYS D 201 -40.53 8.03 -0.92
C LYS D 201 -40.05 9.22 -1.72
N THR D 202 -39.91 10.37 -1.07
CA THR D 202 -39.44 11.56 -1.79
C THR D 202 -38.03 12.02 -1.46
N LYS D 203 -37.46 11.45 -0.39
CA LYS D 203 -36.10 11.76 0.05
C LYS D 203 -35.94 13.20 0.46
N ARG D 204 -37.05 13.90 0.61
CA ARG D 204 -36.99 15.28 1.02
C ARG D 204 -37.06 15.30 2.55
N MET D 205 -36.19 16.11 3.14
CA MET D 205 -36.05 16.26 4.58
C MET D 205 -37.30 16.72 5.33
N TYR D 206 -37.51 16.18 6.53
CA TYR D 206 -38.63 16.57 7.37
C TYR D 206 -38.20 16.45 8.83
N LEU D 207 -38.80 17.22 9.73
CA LEU D 207 -38.40 17.17 11.14
C LEU D 207 -38.94 15.91 11.80
N ALA D 208 -38.01 15.12 12.36
CA ALA D 208 -38.35 13.88 13.02
C ALA D 208 -38.43 14.03 14.53
N ALA D 209 -37.82 15.08 15.06
CA ALA D 209 -37.85 15.32 16.50
C ALA D 209 -37.21 16.65 16.84
N TYR D 210 -37.43 17.11 18.06
CA TYR D 210 -36.86 18.38 18.50
C TYR D 210 -36.48 18.34 19.99
N TYR D 211 -35.40 19.03 20.35
CA TYR D 211 -34.92 19.01 21.73
C TYR D 211 -35.89 19.68 22.66
N PRO D 212 -35.84 19.37 23.97
CA PRO D 212 -36.70 19.93 25.03
C PRO D 212 -36.62 21.45 25.06
N THR D 213 -35.55 21.93 24.46
CA THR D 213 -35.25 23.31 24.43
C THR D 213 -35.87 24.04 23.23
N SER D 214 -36.22 23.28 22.20
CA SER D 214 -36.79 23.84 20.98
C SER D 214 -38.27 23.52 20.89
N SER D 215 -38.83 23.76 19.70
CA SER D 215 -40.25 23.53 19.39
C SER D 215 -40.31 23.46 17.85
N PRO D 216 -41.30 22.75 17.30
CA PRO D 216 -41.42 22.64 15.85
C PRO D 216 -41.39 23.99 15.11
N GLU D 217 -41.88 25.02 15.78
CA GLU D 217 -41.93 26.37 15.19
C GLU D 217 -40.54 26.99 15.03
N ASP D 218 -39.77 26.99 16.12
CA ASP D 218 -38.40 27.53 16.12
C ASP D 218 -37.64 26.93 14.95
N VAL D 219 -37.81 25.62 14.77
CA VAL D 219 -37.14 24.92 13.69
C VAL D 219 -37.53 25.58 12.39
N LEU D 220 -38.82 25.86 12.25
CA LEU D 220 -39.35 26.49 11.04
C LEU D 220 -38.79 27.88 10.78
N GLU D 221 -38.78 28.69 11.83
CA GLU D 221 -38.25 30.05 11.73
C GLU D 221 -36.80 30.05 11.27
N ASN D 222 -36.12 28.92 11.46
CA ASN D 222 -34.72 28.83 11.08
C ASN D 222 -34.34 27.96 9.89
N THR D 223 -35.33 27.49 9.14
CA THR D 223 -35.05 26.67 7.97
C THR D 223 -35.45 27.47 6.75
N GLY D 224 -34.50 27.68 5.85
CA GLY D 224 -34.77 28.45 4.65
C GLY D 224 -35.60 27.78 3.57
N PHE D 225 -36.35 26.76 3.95
CA PHE D 225 -37.22 26.05 3.01
C PHE D 225 -38.34 25.37 3.80
N ASP D 226 -39.36 24.90 3.09
CA ASP D 226 -40.53 24.26 3.69
C ASP D 226 -40.28 22.90 4.34
N LEU D 227 -40.61 22.81 5.61
CA LEU D 227 -40.43 21.58 6.37
C LEU D 227 -41.73 20.98 6.88
N ASP D 228 -41.80 19.65 6.83
CA ASP D 228 -42.96 18.94 7.34
C ASP D 228 -42.62 18.65 8.81
N VAL D 229 -43.12 19.49 9.71
CA VAL D 229 -42.86 19.34 11.12
C VAL D 229 -44.09 18.78 11.81
N SER D 230 -44.84 17.95 11.08
CA SER D 230 -46.06 17.36 11.62
C SER D 230 -45.86 16.03 12.32
N LYS D 231 -44.71 15.40 12.09
CA LYS D 231 -44.45 14.09 12.71
C LYS D 231 -43.50 14.18 13.90
N ALA D 232 -42.94 15.37 14.11
CA ALA D 232 -41.97 15.64 15.17
C ALA D 232 -42.42 15.37 16.60
N VAL D 233 -41.55 14.68 17.33
CA VAL D 233 -41.77 14.33 18.74
C VAL D 233 -40.68 15.05 19.52
N GLU D 234 -40.90 15.26 20.82
CA GLU D 234 -39.91 15.95 21.65
C GLU D 234 -39.03 14.95 22.38
N LEU D 235 -37.71 15.13 22.25
CA LEU D 235 -36.74 14.25 22.88
C LEU D 235 -36.60 14.61 24.34
N GLU D 236 -36.09 13.69 25.14
CA GLU D 236 -35.90 13.99 26.55
C GLU D 236 -34.54 14.64 26.80
N ALA D 237 -34.45 15.38 27.91
CA ALA D 237 -33.23 16.05 28.32
C ALA D 237 -32.15 14.99 28.65
N PRO D 238 -30.86 15.37 28.56
CA PRO D 238 -29.79 14.42 28.86
C PRO D 238 -29.81 13.97 30.32
N ASP D 239 -29.43 12.71 30.56
CA ASP D 239 -29.36 12.10 31.88
C ASP D 239 -28.07 12.55 32.55
N PRO D 240 -28.15 13.08 33.79
CA PRO D 240 -27.01 13.57 34.58
C PRO D 240 -25.81 12.66 34.47
N ALA D 241 -26.02 11.37 34.65
CA ALA D 241 -24.94 10.38 34.55
C ALA D 241 -24.10 10.56 33.29
N VAL D 242 -24.75 10.85 32.17
CA VAL D 242 -24.02 11.04 30.93
C VAL D 242 -23.37 12.44 30.87
N ILE D 243 -23.96 13.41 31.54
CA ILE D 243 -23.39 14.75 31.56
C ILE D 243 -22.17 14.74 32.47
N LYS D 244 -22.30 14.12 33.64
CA LYS D 244 -21.21 13.97 34.58
C LYS D 244 -20.07 13.37 33.78
N LEU D 245 -20.39 12.27 33.11
CA LEU D 245 -19.43 11.54 32.29
C LEU D 245 -18.71 12.45 31.31
N ILE D 246 -19.45 13.00 30.35
CA ILE D 246 -18.87 13.86 29.32
C ILE D 246 -17.95 14.92 29.91
N ARG D 247 -18.42 15.56 30.95
CA ARG D 247 -17.66 16.61 31.59
C ARG D 247 -16.40 16.13 32.31
N GLU D 248 -16.56 15.16 33.20
CA GLU D 248 -15.46 14.65 33.99
C GLU D 248 -14.58 13.52 33.43
N GLU D 249 -14.85 13.03 32.23
CA GLU D 249 -14.01 11.98 31.66
C GLU D 249 -13.75 12.15 30.19
N ILE D 250 -14.80 12.40 29.41
CA ILE D 250 -14.61 12.54 27.97
C ILE D 250 -13.93 13.84 27.55
N ASP D 251 -14.26 14.93 28.23
CA ASP D 251 -13.66 16.20 27.86
C ASP D 251 -13.54 17.20 29.02
N PRO D 252 -12.81 16.83 30.09
CA PRO D 252 -12.64 17.71 31.25
C PRO D 252 -11.87 18.96 30.87
N GLY D 253 -11.15 18.90 29.75
CA GLY D 253 -10.38 20.06 29.28
C GLY D 253 -11.21 21.05 28.48
N GLN D 254 -12.48 20.70 28.26
CA GLN D 254 -13.40 21.52 27.50
C GLN D 254 -12.91 21.93 26.13
N ALA D 255 -12.25 21.00 25.47
CA ALA D 255 -11.73 21.23 24.13
C ALA D 255 -12.89 21.58 23.18
N PHE D 256 -13.99 20.85 23.34
CA PHE D 256 -15.20 21.01 22.53
C PHE D 256 -16.41 21.35 23.39
N ILE D 257 -16.70 20.50 24.37
CA ILE D 257 -17.84 20.76 25.24
C ILE D 257 -17.39 21.74 26.31
N GLN D 258 -17.54 23.03 26.01
CA GLN D 258 -17.15 24.08 26.94
C GLN D 258 -18.30 24.19 27.95
N VAL D 259 -18.11 23.64 29.14
CA VAL D 259 -19.15 23.65 30.18
C VAL D 259 -19.31 25.00 30.86
N PRO D 260 -20.54 25.30 31.35
CA PRO D 260 -20.92 26.53 32.05
C PRO D 260 -20.14 26.74 33.35
#